data_2X3L
#
_entry.id   2X3L
#
_cell.length_a   50.677
_cell.length_b   137.283
_cell.length_c   62.258
_cell.angle_alpha   90.00
_cell.angle_beta   109.64
_cell.angle_gamma   90.00
#
_symmetry.space_group_name_H-M   'P 1 21 1'
#
loop_
_entity.id
_entity.type
_entity.pdbx_description
1 polymer 'ORN/LYS/ARG DECARBOXYLASE FAMILY PROTEIN'
2 non-polymer "PYRIDOXAL-5'-PHOSPHATE"
3 non-polymer 'SAMARIUM (III) ION'
4 non-polymer 1,2-ETHANEDIOL
5 water water
#
_entity_poly.entity_id   1
_entity_poly.type   'polypeptide(L)'
_entity_poly.pdbx_seq_one_letter_code
;GMKQPILNKLESLNQEEAISLHVPGHKNMTIGHLSQLSMTMDKTEIPGLDDLHHPEEVILKSMKQVEKHSDYDGYFLVNG
TTSGILSVIQSFSQKKGDILMARNVHKSVLHALDISQQEGHFIETHQSPLTNHYNKVNLSRLNNDGHKLVVLTYPNYYGE
TFNVEEVIKSLHQLNIPVLIDEAHGAHFGLQGFPDSTLNYQADYVVQSFHKTLPALTMGSVLYIHKNAPYRENIIEYLSY
FQTSSPSYLIMASLESAAQFYKTYDSTLFFAKRAQLIECLENKGFEMLQVDDPLKLLIKYEGFTGHDIQNWFMNAHIYLE
LADDYQALAILPLWHHDDTYLFDSLLRKIEDMILPKKSVSKVKQTQLLTTEGNYKPKRFEYVTWCDLKKAKGKVLARHIV
PYPPGIPIIFKGETITENMIELVNEYLETGMIVEGIKNNKILVEDE
;
_entity_poly.pdbx_strand_id   A,B
#
loop_
_chem_comp.id
_chem_comp.type
_chem_comp.name
_chem_comp.formula
EDO non-polymer 1,2-ETHANEDIOL 'C2 H6 O2'
PLP non-polymer PYRIDOXAL-5'-PHOSPHATE 'C8 H10 N O6 P'
SM non-polymer 'SAMARIUM (III) ION' 'Sm 3'
#
# COMPACT_ATOMS: atom_id res chain seq x y z
N PRO A 5 -19.73 -3.34 -11.42
CA PRO A 5 -19.50 -4.77 -11.65
C PRO A 5 -18.76 -5.47 -10.50
N ILE A 6 -17.79 -4.81 -9.90
CA ILE A 6 -17.08 -5.37 -8.76
C ILE A 6 -18.05 -5.57 -7.59
N LEU A 7 -18.87 -4.56 -7.32
CA LEU A 7 -19.87 -4.64 -6.24
C LEU A 7 -20.92 -5.72 -6.53
N ASN A 8 -21.48 -5.73 -7.74
CA ASN A 8 -22.49 -6.71 -8.15
C ASN A 8 -22.04 -8.17 -7.92
N LYS A 9 -20.78 -8.46 -8.24
CA LYS A 9 -20.21 -9.77 -7.97
C LYS A 9 -20.08 -10.04 -6.47
N LEU A 10 -19.52 -9.07 -5.74
CA LEU A 10 -19.38 -9.18 -4.29
C LEU A 10 -20.74 -9.41 -3.60
N GLU A 11 -21.78 -8.72 -4.05
CA GLU A 11 -23.12 -8.91 -3.51
C GLU A 11 -23.70 -10.30 -3.80
N SER A 12 -23.49 -10.80 -5.02
CA SER A 12 -24.02 -12.12 -5.43
C SER A 12 -23.29 -13.25 -4.71
N LEU A 13 -22.02 -13.03 -4.37
CA LEU A 13 -21.28 -13.95 -3.50
C LEU A 13 -21.94 -14.04 -2.11
N ASN A 14 -22.36 -12.90 -1.56
CA ASN A 14 -23.07 -12.87 -0.28
C ASN A 14 -24.46 -13.54 -0.37
N GLN A 15 -25.14 -13.34 -1.50
CA GLN A 15 -26.49 -13.92 -1.71
C GLN A 15 -26.50 -15.43 -1.94
N GLU A 16 -25.31 -16.00 -2.18
CA GLU A 16 -25.18 -17.43 -2.42
C GLU A 16 -24.40 -18.10 -1.29
N GLU A 17 -24.49 -17.49 -0.10
CA GLU A 17 -23.77 -17.92 1.12
C GLU A 17 -22.40 -18.56 0.88
N ALA A 18 -21.53 -17.83 0.20
CA ALA A 18 -20.21 -18.33 -0.14
C ALA A 18 -19.44 -18.70 1.12
N ILE A 19 -18.90 -19.92 1.14
CA ILE A 19 -18.07 -20.41 2.24
C ILE A 19 -16.59 -20.28 1.88
N SER A 20 -15.86 -19.48 2.66
CA SER A 20 -14.44 -19.26 2.44
C SER A 20 -13.55 -20.35 3.06
N LEU A 21 -12.74 -20.97 2.22
CA LEU A 21 -11.54 -21.67 2.69
C LEU A 21 -10.32 -21.00 2.05
N HIS A 22 -10.40 -19.68 1.95
CA HIS A 22 -9.34 -18.87 1.34
C HIS A 22 -8.98 -17.67 2.23
N VAL A 23 -7.94 -16.93 1.83
CA VAL A 23 -7.56 -15.69 2.49
C VAL A 23 -8.62 -14.64 2.15
N PRO A 24 -8.87 -13.67 3.06
CA PRO A 24 -8.24 -13.44 4.36
C PRO A 24 -8.81 -14.27 5.50
N GLY A 25 -8.18 -14.17 6.66
CA GLY A 25 -8.48 -15.05 7.78
C GLY A 25 -9.71 -14.76 8.60
N HIS A 26 -10.48 -13.72 8.26
CA HIS A 26 -11.80 -13.48 8.88
C HIS A 26 -12.94 -14.27 8.20
N LYS A 27 -12.66 -14.80 7.01
CA LYS A 27 -13.53 -15.81 6.34
C LYS A 27 -14.93 -15.29 6.06
N ASN A 28 -15.02 -14.16 5.35
CA ASN A 28 -16.29 -13.47 5.11
C ASN A 28 -16.93 -12.98 6.41
N MET A 29 -16.09 -12.48 7.30
N MET A 29 -16.09 -12.44 7.29
CA MET A 29 -16.50 -11.88 8.58
CA MET A 29 -16.48 -11.87 8.59
C MET A 29 -17.21 -12.86 9.49
C MET A 29 -17.23 -12.86 9.47
N THR A 30 -16.88 -14.15 9.36
CA THR A 30 -17.44 -15.18 10.24
C THR A 30 -16.47 -15.54 11.36
N ILE A 31 -15.18 -15.29 11.14
CA ILE A 31 -14.14 -15.57 12.11
C ILE A 31 -13.54 -14.26 12.61
N GLY A 32 -13.41 -14.11 13.92
CA GLY A 32 -12.79 -12.94 14.52
C GLY A 32 -13.81 -11.99 15.12
N HIS A 33 -13.35 -10.77 15.43
CA HIS A 33 -14.18 -9.77 16.06
C HIS A 33 -14.16 -8.44 15.28
N LEU A 34 -14.05 -8.53 13.96
CA LEU A 34 -14.06 -7.34 13.09
C LEU A 34 -15.47 -6.77 12.88
N SER A 35 -16.48 -7.41 13.46
CA SER A 35 -17.82 -6.82 13.59
C SER A 35 -17.83 -5.62 14.54
N GLN A 36 -16.76 -5.43 15.31
CA GLN A 36 -16.58 -4.24 16.15
C GLN A 36 -16.11 -3.02 15.35
N LEU A 37 -15.67 -3.26 14.11
CA LEU A 37 -15.29 -2.17 13.22
C LEU A 37 -16.49 -1.64 12.45
N SER A 38 -16.40 -0.37 12.06
CA SER A 38 -17.33 0.24 11.12
C SER A 38 -16.55 1.14 10.17
N MET A 39 -17.08 1.34 8.97
CA MET A 39 -16.46 2.24 8.01
C MET A 39 -16.61 3.71 8.43
N THR A 40 -17.44 3.96 9.45
CA THR A 40 -17.45 5.27 10.10
C THR A 40 -16.08 5.59 10.75
N MET A 41 -15.33 4.55 11.13
CA MET A 41 -14.00 4.69 11.75
C MET A 41 -12.86 4.85 10.74
N ASP A 42 -13.17 4.91 9.45
CA ASP A 42 -12.17 5.18 8.42
C ASP A 42 -11.88 6.69 8.40
N LYS A 43 -10.92 7.11 9.22
CA LYS A 43 -10.62 8.52 9.46
C LYS A 43 -9.18 8.83 9.02
N THR A 44 -8.51 9.76 9.71
CA THR A 44 -7.19 10.22 9.28
C THR A 44 -6.38 10.78 10.47
N GLU A 45 -5.20 11.35 10.21
CA GLU A 45 -4.34 11.86 11.29
C GLU A 45 -4.85 13.16 11.95
N ILE A 46 -6.13 13.14 12.37
CA ILE A 46 -6.71 14.20 13.19
C ILE A 46 -6.20 14.08 14.62
N PRO A 47 -6.21 15.18 15.40
CA PRO A 47 -5.77 15.07 16.79
C PRO A 47 -6.61 14.02 17.57
N GLY A 48 -5.93 13.17 18.34
CA GLY A 48 -6.57 12.04 19.02
C GLY A 48 -6.14 10.71 18.39
N LEU A 49 -6.17 10.66 17.07
CA LEU A 49 -5.57 9.56 16.35
C LEU A 49 -4.10 9.96 16.16
N ASP A 50 -3.24 8.98 16.00
CA ASP A 50 -1.80 9.23 16.06
C ASP A 50 -1.25 9.56 14.66
N ASP A 51 -0.21 8.85 14.22
CA ASP A 51 0.39 8.99 12.90
C ASP A 51 1.27 7.76 12.68
N LEU A 52 0.88 6.87 11.77
CA LEU A 52 1.59 5.60 11.56
C LEU A 52 3.07 5.80 11.23
N HIS A 53 3.39 6.91 10.58
CA HIS A 53 4.76 7.20 10.16
C HIS A 53 5.58 7.90 11.24
N HIS A 54 4.91 8.40 12.27
CA HIS A 54 5.57 9.03 13.42
C HIS A 54 4.79 8.74 14.71
N PRO A 55 4.72 7.46 15.11
CA PRO A 55 3.85 7.07 16.22
C PRO A 55 4.45 7.35 17.59
N GLU A 56 3.74 8.14 18.40
CA GLU A 56 4.16 8.43 19.79
C GLU A 56 2.96 8.51 20.77
N GLU A 57 1.78 8.06 20.34
CA GLU A 57 0.59 8.05 21.19
C GLU A 57 -0.20 6.74 21.02
N VAL A 58 -1.41 6.80 20.49
CA VAL A 58 -2.32 5.63 20.50
C VAL A 58 -1.81 4.46 19.63
N ILE A 59 -1.15 4.78 18.51
CA ILE A 59 -0.62 3.77 17.59
C ILE A 59 0.70 3.15 18.11
N LEU A 60 1.49 3.95 18.82
CA LEU A 60 2.66 3.44 19.54
C LEU A 60 2.23 2.47 20.64
N LYS A 61 1.20 2.87 21.40
CA LYS A 61 0.63 2.00 22.44
C LYS A 61 0.09 0.71 21.84
N SER A 62 -0.58 0.82 20.69
CA SER A 62 -1.08 -0.34 19.96
C SER A 62 0.05 -1.23 19.44
N MET A 63 1.15 -0.64 18.98
CA MET A 63 2.35 -1.42 18.58
C MET A 63 2.85 -2.27 19.73
N LYS A 64 2.86 -1.69 20.94
CA LYS A 64 3.31 -2.43 22.13
C LYS A 64 2.43 -3.67 22.33
N GLN A 65 1.12 -3.54 22.11
CA GLN A 65 0.22 -4.69 22.24
C GLN A 65 0.39 -5.72 21.11
N VAL A 66 0.89 -5.28 19.95
CA VAL A 66 1.15 -6.21 18.82
C VAL A 66 2.34 -7.15 19.08
N GLU A 67 3.11 -6.85 20.12
CA GLU A 67 4.27 -7.63 20.47
C GLU A 67 3.93 -9.11 20.69
N LYS A 68 4.75 -9.94 20.07
CA LYS A 68 4.71 -11.38 20.28
C LYS A 68 5.98 -11.80 21.04
N HIS A 69 7.06 -11.05 20.82
CA HIS A 69 8.36 -11.37 21.42
C HIS A 69 9.05 -10.09 21.88
N SER A 70 9.66 -10.15 23.06
CA SER A 70 10.28 -8.98 23.68
C SER A 70 11.59 -8.56 22.99
N ASP A 71 12.15 -9.42 22.14
CA ASP A 71 13.35 -9.06 21.38
C ASP A 71 13.04 -8.27 20.10
N TYR A 72 11.76 -8.03 19.81
CA TYR A 72 11.33 -7.36 18.59
C TYR A 72 10.40 -6.16 18.81
N ASP A 73 10.49 -5.22 17.88
CA ASP A 73 9.52 -4.14 17.74
C ASP A 73 8.66 -4.44 16.54
N GLY A 74 7.34 -4.43 16.73
CA GLY A 74 6.38 -4.68 15.66
C GLY A 74 5.96 -3.38 15.02
N TYR A 75 5.79 -3.38 13.69
CA TYR A 75 5.36 -2.21 12.92
C TYR A 75 4.18 -2.56 12.03
N PHE A 76 3.09 -1.79 12.11
CA PHE A 76 1.92 -2.04 11.28
C PHE A 76 2.25 -1.82 9.81
N LEU A 77 1.69 -2.68 8.95
CA LEU A 77 1.81 -2.56 7.51
C LEU A 77 0.40 -2.53 6.90
N VAL A 78 0.08 -1.47 6.15
CA VAL A 78 -1.22 -1.35 5.49
C VAL A 78 -1.14 -1.70 4.00
N ASN A 79 0.08 -1.78 3.47
CA ASN A 79 0.34 -2.24 2.10
C ASN A 79 0.96 -3.64 2.08
N GLY A 80 0.45 -4.51 2.93
CA GLY A 80 0.84 -5.92 2.94
C GLY A 80 2.24 -6.19 3.43
N THR A 81 2.61 -7.47 3.42
CA THR A 81 3.96 -7.90 3.73
C THR A 81 4.91 -7.39 2.66
N THR A 82 4.39 -7.21 1.44
CA THR A 82 5.10 -6.59 0.35
C THR A 82 5.85 -5.33 0.80
N SER A 83 5.13 -4.38 1.40
CA SER A 83 5.76 -3.10 1.80
C SER A 83 6.90 -3.32 2.79
N GLY A 84 6.66 -4.24 3.72
CA GLY A 84 7.69 -4.70 4.65
C GLY A 84 8.88 -5.30 3.93
N ILE A 85 8.65 -6.21 2.99
CA ILE A 85 9.78 -6.82 2.28
C ILE A 85 10.57 -5.73 1.55
N LEU A 86 9.88 -4.80 0.89
CA LEU A 86 10.54 -3.72 0.16
C LEU A 86 11.39 -2.84 1.11
N SER A 87 10.86 -2.57 2.30
CA SER A 87 11.55 -1.68 3.23
C SER A 87 12.86 -2.28 3.77
N VAL A 88 12.84 -3.55 4.15
CA VAL A 88 14.04 -4.24 4.63
C VAL A 88 15.14 -4.29 3.57
N ILE A 89 14.80 -4.76 2.37
CA ILE A 89 15.79 -4.96 1.32
C ILE A 89 16.43 -3.67 0.82
N GLN A 90 15.61 -2.63 0.65
CA GLN A 90 16.08 -1.31 0.22
C GLN A 90 17.25 -0.79 1.08
N SER A 91 17.16 -1.06 2.38
CA SER A 91 18.15 -0.57 3.33
C SER A 91 19.55 -1.15 3.13
N PHE A 92 19.66 -2.30 2.45
CA PHE A 92 20.97 -2.92 2.17
C PHE A 92 21.61 -2.43 0.85
N SER A 93 20.92 -1.56 0.12
CA SER A 93 21.32 -1.15 -1.22
C SER A 93 22.74 -0.58 -1.33
N GLN A 94 23.14 0.29 -0.42
CA GLN A 94 24.47 0.90 -0.54
C GLN A 94 25.59 0.04 0.07
N LYS A 95 25.25 -1.13 0.59
CA LYS A 95 26.22 -2.03 1.19
C LYS A 95 26.70 -3.08 0.20
N LYS A 96 27.92 -3.57 0.42
CA LYS A 96 28.58 -4.47 -0.52
C LYS A 96 28.12 -5.90 -0.27
N GLY A 97 28.09 -6.70 -1.34
CA GLY A 97 27.70 -8.09 -1.27
C GLY A 97 26.34 -8.29 -1.89
N ASP A 98 25.95 -9.55 -2.04
CA ASP A 98 24.69 -9.89 -2.69
C ASP A 98 23.66 -10.36 -1.66
N ILE A 99 22.41 -10.43 -2.10
CA ILE A 99 21.33 -10.91 -1.26
C ILE A 99 21.08 -12.38 -1.64
N LEU A 100 21.20 -13.25 -0.64
CA LEU A 100 21.07 -14.69 -0.84
C LEU A 100 19.58 -15.04 -0.75
N MET A 101 19.10 -15.94 -1.60
CA MET A 101 17.66 -16.17 -1.74
C MET A 101 17.29 -17.62 -1.97
N ALA A 102 16.28 -18.09 -1.23
CA ALA A 102 15.54 -19.30 -1.57
C ALA A 102 14.87 -19.18 -2.95
N ARG A 103 14.73 -20.30 -3.65
CA ARG A 103 14.12 -20.29 -4.99
C ARG A 103 12.61 -20.12 -4.93
N ASN A 104 12.03 -20.26 -3.73
CA ASN A 104 10.62 -19.94 -3.52
C ASN A 104 10.41 -18.60 -2.80
N VAL A 105 11.32 -17.66 -3.00
CA VAL A 105 11.05 -16.31 -2.54
C VAL A 105 9.87 -15.77 -3.35
N HIS A 106 9.11 -14.89 -2.70
CA HIS A 106 7.93 -14.28 -3.29
C HIS A 106 8.40 -13.22 -4.29
N LYS A 107 7.53 -12.88 -5.24
CA LYS A 107 7.85 -11.91 -6.28
C LYS A 107 8.30 -10.53 -5.73
N SER A 108 7.78 -10.12 -4.58
CA SER A 108 8.16 -8.83 -3.98
C SER A 108 9.64 -8.75 -3.64
N VAL A 109 10.25 -9.90 -3.38
CA VAL A 109 11.68 -9.97 -3.10
C VAL A 109 12.47 -9.62 -4.34
N LEU A 110 12.09 -10.22 -5.45
CA LEU A 110 12.76 -9.93 -6.73
C LEU A 110 12.40 -8.52 -7.19
N HIS A 111 11.18 -8.08 -6.92
CA HIS A 111 10.80 -6.71 -7.23
C HIS A 111 11.72 -5.76 -6.46
N ALA A 112 12.01 -6.11 -5.21
CA ALA A 112 12.80 -5.27 -4.33
C ALA A 112 14.24 -5.16 -4.84
N LEU A 113 14.85 -6.28 -5.23
CA LEU A 113 16.19 -6.22 -5.83
C LEU A 113 16.22 -5.39 -7.09
N ASP A 114 15.14 -5.44 -7.87
CA ASP A 114 15.06 -4.75 -9.15
C ASP A 114 14.95 -3.26 -8.95
N ILE A 115 14.07 -2.85 -8.04
CA ILE A 115 13.90 -1.40 -7.78
C ILE A 115 15.14 -0.81 -7.11
N SER A 116 15.76 -1.59 -6.23
CA SER A 116 16.95 -1.14 -5.47
C SER A 116 18.24 -1.41 -6.23
N GLN A 117 18.17 -2.21 -7.30
CA GLN A 117 19.32 -2.54 -8.15
C GLN A 117 20.44 -3.22 -7.34
N GLN A 118 20.09 -4.34 -6.73
CA GLN A 118 21.05 -5.13 -5.95
C GLN A 118 21.30 -6.49 -6.58
N GLU A 119 22.56 -6.92 -6.51
CA GLU A 119 22.95 -8.27 -6.89
C GLU A 119 22.28 -9.31 -5.99
N GLY A 120 21.92 -10.46 -6.59
CA GLY A 120 21.33 -11.55 -5.86
C GLY A 120 22.04 -12.85 -6.12
N HIS A 121 21.68 -13.86 -5.32
CA HIS A 121 22.15 -15.22 -5.53
C HIS A 121 21.17 -16.17 -4.92
N PHE A 122 20.78 -17.19 -5.69
CA PHE A 122 19.85 -18.19 -5.18
C PHE A 122 20.61 -19.29 -4.45
N ILE A 123 20.08 -19.73 -3.31
CA ILE A 123 20.65 -20.85 -2.54
C ILE A 123 20.10 -22.12 -3.10
N GLU A 124 20.86 -23.21 -2.97
CA GLU A 124 20.31 -24.49 -3.33
C GLU A 124 18.99 -24.67 -2.57
N THR A 125 17.93 -25.04 -3.29
CA THR A 125 16.59 -25.11 -2.72
C THR A 125 15.98 -26.40 -3.19
N HIS A 126 15.48 -27.20 -2.25
CA HIS A 126 15.04 -28.56 -2.55
C HIS A 126 13.52 -28.66 -2.75
N GLN A 127 13.10 -29.77 -3.35
CA GLN A 127 11.70 -30.04 -3.68
C GLN A 127 11.12 -31.05 -2.69
N SER A 128 9.96 -30.71 -2.10
CA SER A 128 9.29 -31.59 -1.16
C SER A 128 8.84 -32.88 -1.83
N PRO A 129 9.20 -34.04 -1.28
CA PRO A 129 8.61 -35.27 -1.80
C PRO A 129 7.10 -35.36 -1.54
N LEU A 130 6.59 -34.58 -0.59
CA LEU A 130 5.18 -34.62 -0.20
C LEU A 130 4.31 -33.77 -1.12
N THR A 131 4.70 -32.52 -1.32
CA THR A 131 3.91 -31.54 -2.10
C THR A 131 4.43 -31.31 -3.51
N ASN A 132 5.68 -31.74 -3.76
CA ASN A 132 6.42 -31.39 -4.97
C ASN A 132 6.57 -29.88 -5.23
N HIS A 133 6.60 -29.12 -4.14
CA HIS A 133 6.98 -27.71 -4.20
C HIS A 133 8.28 -27.53 -3.46
N TYR A 134 8.90 -26.38 -3.63
CA TYR A 134 10.07 -25.95 -2.86
C TYR A 134 9.75 -25.85 -1.38
N ASN A 135 10.51 -26.54 -0.54
CA ASN A 135 10.18 -26.61 0.89
C ASN A 135 11.34 -26.37 1.85
N LYS A 136 12.54 -26.18 1.35
CA LYS A 136 13.74 -26.29 2.19
C LYS A 136 15.00 -25.82 1.44
N VAL A 137 15.94 -25.23 2.17
CA VAL A 137 17.22 -24.80 1.59
C VAL A 137 18.43 -25.57 2.12
N ASN A 138 19.49 -25.58 1.33
CA ASN A 138 20.72 -26.28 1.68
C ASN A 138 21.89 -25.30 1.54
N LEU A 139 22.56 -25.01 2.65
CA LEU A 139 23.74 -24.15 2.64
C LEU A 139 24.99 -24.98 2.35
N HIS A 147 25.19 -12.51 0.45
CA HIS A 147 25.92 -12.69 1.69
C HIS A 147 25.92 -11.43 2.58
N LYS A 148 25.29 -10.35 2.13
CA LYS A 148 24.98 -9.23 3.02
C LYS A 148 23.62 -9.44 3.69
N LEU A 149 22.78 -10.25 3.05
CA LEU A 149 21.45 -10.59 3.57
C LEU A 149 20.99 -11.91 2.95
N VAL A 150 20.17 -12.65 3.70
CA VAL A 150 19.57 -13.89 3.25
C VAL A 150 18.05 -13.78 3.37
N VAL A 151 17.33 -14.13 2.31
CA VAL A 151 15.88 -14.10 2.37
C VAL A 151 15.28 -15.48 2.22
N LEU A 152 14.55 -15.89 3.25
CA LEU A 152 13.91 -17.19 3.26
C LEU A 152 12.39 -17.09 3.46
N THR A 153 11.69 -18.06 2.87
CA THR A 153 10.25 -18.20 3.01
C THR A 153 9.98 -19.30 4.04
N TYR A 154 9.26 -18.95 5.10
CA TYR A 154 8.91 -19.89 6.15
C TYR A 154 7.56 -19.51 6.74
N PRO A 155 6.57 -20.42 6.67
CA PRO A 155 6.55 -21.69 5.97
C PRO A 155 6.35 -21.42 4.49
N ASN A 156 6.46 -22.43 3.62
CA ASN A 156 6.05 -22.25 2.23
C ASN A 156 4.53 -22.10 2.24
N TYR A 157 3.93 -21.74 1.12
CA TYR A 157 2.50 -21.36 1.20
C TYR A 157 1.57 -22.55 1.37
N TYR A 158 2.13 -23.77 1.25
CA TYR A 158 1.42 -25.00 1.55
C TYR A 158 1.54 -25.44 3.02
N GLY A 159 2.17 -24.61 3.85
CA GLY A 159 2.30 -24.87 5.29
C GLY A 159 3.45 -25.79 5.66
N GLU A 160 4.39 -26.00 4.76
CA GLU A 160 5.54 -26.84 5.04
C GLU A 160 6.63 -26.00 5.65
N THR A 161 7.26 -26.55 6.68
CA THR A 161 8.34 -25.90 7.38
C THR A 161 9.60 -26.70 7.10
N PHE A 162 10.70 -26.28 7.71
CA PHE A 162 11.97 -27.02 7.68
C PHE A 162 12.83 -26.55 8.86
N ASN A 163 14.03 -27.11 9.00
CA ASN A 163 14.91 -26.78 10.12
C ASN A 163 15.49 -25.38 9.97
N VAL A 164 14.63 -24.39 10.19
CA VAL A 164 14.97 -22.99 9.89
C VAL A 164 15.86 -22.44 10.99
N GLU A 165 15.58 -22.80 12.25
CA GLU A 165 16.44 -22.40 13.36
C GLU A 165 17.92 -22.66 13.02
N GLU A 166 18.20 -23.90 12.63
CA GLU A 166 19.56 -24.35 12.35
C GLU A 166 20.20 -23.55 11.22
N VAL A 167 19.41 -23.18 10.23
CA VAL A 167 19.89 -22.35 9.15
C VAL A 167 20.17 -20.92 9.62
N ILE A 168 19.31 -20.38 10.48
CA ILE A 168 19.53 -19.01 10.99
C ILE A 168 20.81 -18.91 11.84
N LYS A 169 21.05 -19.90 12.69
CA LYS A 169 22.29 -19.99 13.50
C LYS A 169 23.57 -20.05 12.67
N SER A 170 23.56 -20.87 11.61
CA SER A 170 24.73 -21.00 10.74
C SER A 170 25.03 -19.65 10.09
N LEU A 171 23.99 -18.93 9.67
CA LEU A 171 24.15 -17.63 9.01
C LEU A 171 24.68 -16.54 9.96
N HIS A 172 24.11 -16.45 11.15
CA HIS A 172 24.59 -15.50 12.16
C HIS A 172 26.06 -15.73 12.58
N GLN A 173 26.51 -16.98 12.53
CA GLN A 173 27.90 -17.31 12.80
C GLN A 173 28.82 -16.86 11.68
N LEU A 174 28.29 -16.76 10.47
CA LEU A 174 28.98 -16.13 9.35
C LEU A 174 28.62 -14.64 9.28
N ASN A 175 28.02 -14.12 10.34
CA ASN A 175 27.71 -12.69 10.46
C ASN A 175 26.76 -12.15 9.39
N ILE A 176 25.87 -13.00 8.90
CA ILE A 176 24.89 -12.62 7.88
C ILE A 176 23.49 -12.51 8.51
N PRO A 177 22.83 -11.34 8.36
CA PRO A 177 21.45 -11.21 8.84
C PRO A 177 20.43 -11.90 7.93
N VAL A 178 19.28 -12.27 8.50
CA VAL A 178 18.24 -12.98 7.78
C VAL A 178 16.90 -12.28 7.84
N LEU A 179 16.29 -12.16 6.67
CA LEU A 179 14.91 -11.71 6.55
C LEU A 179 14.10 -12.98 6.32
N ILE A 180 13.14 -13.24 7.21
CA ILE A 180 12.25 -14.40 7.07
C ILE A 180 10.88 -13.96 6.63
N ASP A 181 10.51 -14.37 5.42
CA ASP A 181 9.20 -14.09 4.88
C ASP A 181 8.22 -15.06 5.49
N GLU A 182 7.58 -14.62 6.56
CA GLU A 182 6.61 -15.43 7.31
C GLU A 182 5.18 -15.10 6.96
N ALA A 183 4.94 -14.77 5.68
CA ALA A 183 3.62 -14.37 5.20
C ALA A 183 2.53 -15.39 5.55
N HIS A 184 2.91 -16.67 5.62
CA HIS A 184 1.97 -17.75 5.91
C HIS A 184 2.17 -18.33 7.33
N GLY A 185 2.78 -17.54 8.22
CA GLY A 185 3.07 -17.96 9.59
C GLY A 185 2.59 -16.99 10.65
N ALA A 186 1.59 -16.17 10.32
CA ALA A 186 0.99 -15.22 11.28
C ALA A 186 0.29 -15.90 12.47
N HIS A 187 -0.13 -17.15 12.28
CA HIS A 187 -0.82 -17.93 13.31
C HIS A 187 0.13 -18.87 14.05
N PHE A 188 1.39 -18.88 13.66
CA PHE A 188 2.40 -19.68 14.34
C PHE A 188 2.58 -19.21 15.79
N GLY A 189 2.89 -20.17 16.67
CA GLY A 189 3.02 -19.91 18.10
C GLY A 189 1.76 -20.19 18.88
N LEU A 190 0.62 -20.26 18.19
CA LEU A 190 -0.63 -20.69 18.81
C LEU A 190 -0.49 -22.15 19.19
N GLN A 191 -1.23 -22.53 20.23
CA GLN A 191 -1.10 -23.85 20.82
C GLN A 191 -1.42 -24.92 19.77
N GLY A 192 -0.45 -25.79 19.50
CA GLY A 192 -0.60 -26.92 18.58
C GLY A 192 -0.11 -26.64 17.17
N PHE A 193 0.39 -25.44 16.95
CA PHE A 193 0.84 -25.00 15.64
C PHE A 193 2.35 -24.89 15.68
N PRO A 194 3.01 -24.90 14.51
CA PRO A 194 4.45 -24.73 14.55
C PRO A 194 4.84 -23.37 15.13
N ASP A 195 6.11 -23.20 15.43
CA ASP A 195 6.59 -21.98 16.08
C ASP A 195 7.10 -20.96 15.05
N SER A 196 7.07 -19.68 15.43
CA SER A 196 7.54 -18.59 14.56
C SER A 196 9.06 -18.43 14.68
N THR A 197 9.68 -17.93 13.63
CA THR A 197 11.12 -17.63 13.64
C THR A 197 11.45 -16.46 14.57
N LEU A 198 10.43 -15.77 15.09
CA LEU A 198 10.64 -14.84 16.20
C LEU A 198 11.36 -15.54 17.34
N ASN A 199 11.19 -16.85 17.46
CA ASN A 199 11.89 -17.66 18.47
C ASN A 199 13.35 -17.96 18.15
N TYR A 200 13.75 -17.76 16.89
CA TYR A 200 15.09 -18.15 16.42
C TYR A 200 16.02 -16.97 16.14
N GLN A 201 15.79 -15.85 16.82
CA GLN A 201 16.60 -14.64 16.66
C GLN A 201 16.66 -14.13 15.21
N ALA A 202 15.64 -14.41 14.40
CA ALA A 202 15.63 -13.92 13.03
C ALA A 202 15.64 -12.39 13.08
N ASP A 203 16.44 -11.76 12.21
CA ASP A 203 16.60 -10.30 12.25
C ASP A 203 15.32 -9.57 11.83
N TYR A 204 14.69 -10.07 10.78
CA TYR A 204 13.44 -9.52 10.34
C TYR A 204 12.44 -10.63 10.11
N VAL A 205 11.26 -10.46 10.67
CA VAL A 205 10.14 -11.38 10.44
C VAL A 205 8.90 -10.60 10.00
N VAL A 206 8.46 -10.87 8.77
CA VAL A 206 7.28 -10.20 8.22
C VAL A 206 6.15 -11.22 8.25
N GLN A 207 4.99 -10.85 8.80
CA GLN A 207 3.84 -11.76 8.85
C GLN A 207 2.62 -11.10 8.22
N SER A 208 1.97 -11.82 7.29
CA SER A 208 0.69 -11.38 6.71
C SER A 208 -0.45 -11.79 7.62
N PHE A 209 -0.75 -10.96 8.62
CA PHE A 209 -1.87 -11.21 9.54
C PHE A 209 -3.12 -11.53 8.74
N HIS A 210 -3.44 -10.68 7.77
CA HIS A 210 -4.66 -10.83 6.99
C HIS A 210 -4.84 -12.21 6.35
N LYS A 211 -3.73 -12.88 5.99
CA LYS A 211 -3.85 -14.17 5.27
C LYS A 211 -4.42 -15.30 6.13
N THR A 212 -4.10 -15.33 7.43
CA THR A 212 -4.53 -16.43 8.31
C THR A 212 -5.02 -16.05 9.73
N LEU A 213 -5.11 -14.75 10.02
CA LEU A 213 -5.77 -14.26 11.21
C LEU A 213 -6.92 -13.37 10.76
N PRO A 214 -7.84 -13.06 11.69
CA PRO A 214 -8.94 -12.17 11.35
C PRO A 214 -8.51 -10.70 11.40
N ALA A 215 -7.72 -10.31 10.39
CA ALA A 215 -7.42 -8.93 10.06
C ALA A 215 -7.86 -8.67 8.60
N LEU A 216 -7.96 -7.41 8.22
CA LEU A 216 -8.44 -7.06 6.89
C LEU A 216 -7.35 -7.22 5.84
N THR A 217 -7.74 -7.70 4.66
CA THR A 217 -6.86 -7.78 3.51
C THR A 217 -5.99 -6.54 3.40
N MET A 218 -4.68 -6.79 3.29
CA MET A 218 -3.60 -5.78 3.17
C MET A 218 -2.87 -5.53 4.48
N GLY A 219 -3.50 -5.89 5.60
CA GLY A 219 -2.94 -5.69 6.92
C GLY A 219 -1.90 -6.74 7.32
N SER A 220 -0.66 -6.30 7.48
CA SER A 220 0.45 -7.17 7.89
C SER A 220 1.28 -6.48 8.97
N VAL A 221 2.31 -7.19 9.48
CA VAL A 221 3.19 -6.65 10.52
C VAL A 221 4.65 -7.01 10.23
N LEU A 222 5.53 -6.03 10.37
CA LEU A 222 6.96 -6.24 10.26
C LEU A 222 7.50 -6.27 11.68
N TYR A 223 8.14 -7.37 12.06
CA TYR A 223 8.86 -7.44 13.32
C TYR A 223 10.36 -7.27 13.07
N ILE A 224 10.95 -6.25 13.71
CA ILE A 224 12.38 -5.96 13.58
C ILE A 224 13.08 -6.25 14.91
N HIS A 225 14.00 -7.20 14.88
CA HIS A 225 14.84 -7.51 16.04
C HIS A 225 15.52 -6.25 16.53
N LYS A 226 15.60 -6.07 17.85
CA LYS A 226 16.09 -4.81 18.40
C LYS A 226 17.61 -4.57 18.15
N ASN A 227 18.36 -5.63 17.84
CA ASN A 227 19.77 -5.51 17.40
C ASN A 227 19.98 -5.54 15.86
N ALA A 228 18.91 -5.78 15.10
CA ALA A 228 19.01 -5.93 13.63
C ALA A 228 19.77 -4.81 12.92
N PRO A 229 20.53 -5.15 11.85
CA PRO A 229 21.18 -4.11 11.06
C PRO A 229 20.19 -3.16 10.41
N TYR A 230 20.56 -1.88 10.35
CA TYR A 230 19.82 -0.85 9.61
C TYR A 230 18.38 -0.60 10.09
N ARG A 231 18.16 -0.73 11.40
CA ARG A 231 16.80 -0.60 11.97
C ARG A 231 16.13 0.72 11.62
N GLU A 232 16.87 1.82 11.75
CA GLU A 232 16.28 3.15 11.61
C GLU A 232 16.03 3.48 10.14
N ASN A 233 16.90 3.00 9.26
CA ASN A 233 16.69 3.09 7.81
C ASN A 233 15.47 2.32 7.36
N ILE A 234 15.31 1.11 7.89
CA ILE A 234 14.17 0.28 7.51
C ILE A 234 12.85 0.91 7.94
N ILE A 235 12.83 1.43 9.17
CA ILE A 235 11.67 2.14 9.73
C ILE A 235 11.33 3.38 8.91
N GLU A 236 12.35 4.07 8.42
CA GLU A 236 12.14 5.23 7.55
C GLU A 236 11.53 4.82 6.20
N TYR A 237 12.07 3.76 5.60
CA TYR A 237 11.56 3.26 4.33
C TYR A 237 10.12 2.75 4.41
N LEU A 238 9.67 2.33 5.59
CA LEU A 238 8.24 2.03 5.79
C LEU A 238 7.34 3.21 5.44
N SER A 239 7.84 4.41 5.60
CA SER A 239 7.06 5.60 5.28
C SER A 239 7.22 6.02 3.82
N TYR A 240 8.11 5.31 3.10
CA TYR A 240 8.32 5.56 1.66
C TYR A 240 7.42 4.61 0.89
N PHE A 241 7.50 3.33 1.22
CA PHE A 241 6.79 2.28 0.49
C PHE A 241 5.29 2.18 0.82
N GLN A 242 4.83 2.85 1.88
CA GLN A 242 3.41 2.86 2.22
C GLN A 242 2.88 4.25 1.98
N THR A 243 1.59 4.33 1.70
CA THR A 243 0.93 5.61 1.48
C THR A 243 1.06 6.52 2.71
N SER A 244 1.10 7.82 2.45
CA SER A 244 1.01 8.84 3.49
C SER A 244 -0.38 8.87 4.15
N SER A 245 -1.36 8.17 3.56
CA SER A 245 -2.71 8.10 4.13
C SER A 245 -3.06 6.67 4.52
N PRO A 246 -2.40 6.12 5.55
CA PRO A 246 -2.71 4.73 5.91
C PRO A 246 -4.13 4.60 6.47
N SER A 247 -4.77 3.49 6.13
CA SER A 247 -6.13 3.18 6.58
C SER A 247 -6.21 2.82 8.06
N TYR A 248 -6.97 3.60 8.81
CA TYR A 248 -7.23 3.28 10.22
C TYR A 248 -8.09 2.03 10.38
N LEU A 249 -8.86 1.66 9.36
CA LEU A 249 -9.66 0.43 9.38
C LEU A 249 -8.71 -0.75 9.38
N ILE A 250 -7.72 -0.70 8.49
CA ILE A 250 -6.73 -1.76 8.38
C ILE A 250 -5.92 -1.86 9.68
N MET A 251 -5.50 -0.71 10.21
CA MET A 251 -4.73 -0.68 11.45
C MET A 251 -5.57 -1.22 12.61
N ALA A 252 -6.82 -0.77 12.69
CA ALA A 252 -7.75 -1.28 13.69
C ALA A 252 -7.91 -2.80 13.58
N SER A 253 -7.91 -3.32 12.35
CA SER A 253 -8.08 -4.76 12.11
C SER A 253 -6.87 -5.60 12.57
N LEU A 254 -5.67 -5.05 12.42
CA LEU A 254 -4.45 -5.67 12.93
C LEU A 254 -4.38 -5.69 14.47
N GLU A 255 -4.89 -4.61 15.09
CA GLU A 255 -4.98 -4.49 16.55
C GLU A 255 -5.93 -5.55 17.09
N SER A 256 -7.09 -5.65 16.46
CA SER A 256 -8.08 -6.70 16.74
C SER A 256 -7.50 -8.11 16.54
N ALA A 257 -6.77 -8.32 15.44
CA ALA A 257 -6.20 -9.64 15.13
C ALA A 257 -5.18 -10.07 16.16
N ALA A 258 -4.43 -9.09 16.69
CA ALA A 258 -3.45 -9.35 17.74
C ALA A 258 -4.12 -9.85 19.02
N GLN A 259 -5.19 -9.17 19.42
CA GLN A 259 -5.90 -9.53 20.65
C GLN A 259 -6.53 -10.91 20.49
N PHE A 260 -7.00 -11.19 19.28
CA PHE A 260 -7.49 -12.51 18.90
C PHE A 260 -6.40 -13.59 19.02
N TYR A 261 -5.20 -13.29 18.52
CA TYR A 261 -4.05 -14.21 18.66
C TYR A 261 -3.80 -14.55 20.15
N LYS A 262 -3.50 -13.51 20.93
CA LYS A 262 -3.13 -13.65 22.34
C LYS A 262 -4.18 -14.35 23.22
N THR A 263 -5.46 -14.23 22.87
CA THR A 263 -6.52 -14.81 23.69
C THR A 263 -7.07 -16.13 23.14
N TYR A 264 -6.48 -16.62 22.06
CA TYR A 264 -7.04 -17.74 21.31
C TYR A 264 -6.85 -19.07 22.01
N ASP A 265 -7.92 -19.86 22.02
CA ASP A 265 -7.86 -21.24 22.48
C ASP A 265 -8.17 -22.14 21.30
N SER A 266 -7.23 -23.02 20.96
CA SER A 266 -7.32 -23.84 19.75
C SER A 266 -7.89 -25.23 19.97
N THR A 267 -8.42 -25.52 21.17
CA THR A 267 -8.97 -26.84 21.45
C THR A 267 -10.06 -27.19 20.44
N LEU A 268 -10.95 -26.23 20.17
CA LEU A 268 -12.09 -26.47 19.29
C LEU A 268 -11.64 -26.61 17.84
N PHE A 269 -10.58 -25.90 17.48
CA PHE A 269 -10.06 -25.95 16.12
C PHE A 269 -9.73 -27.38 15.73
N PHE A 270 -8.87 -28.02 16.51
CA PHE A 270 -8.42 -29.39 16.22
C PHE A 270 -9.54 -30.43 16.23
N ALA A 271 -10.61 -30.16 16.98
CA ALA A 271 -11.78 -31.03 16.97
C ALA A 271 -12.53 -30.87 15.65
N LYS A 272 -12.72 -29.62 15.23
CA LYS A 272 -13.45 -29.33 13.98
C LYS A 272 -12.60 -29.71 12.76
N ARG A 273 -11.29 -29.53 12.85
CA ARG A 273 -10.38 -29.96 11.81
C ARG A 273 -10.49 -31.49 11.58
N ALA A 274 -10.47 -32.25 12.66
CA ALA A 274 -10.55 -33.71 12.57
C ALA A 274 -11.89 -34.19 11.98
N GLN A 275 -12.97 -33.49 12.29
CA GLN A 275 -14.31 -33.85 11.80
C GLN A 275 -14.42 -33.56 10.30
N LEU A 276 -13.78 -32.48 9.86
CA LEU A 276 -13.72 -32.11 8.44
C LEU A 276 -12.89 -33.10 7.62
N ILE A 277 -11.75 -33.52 8.16
CA ILE A 277 -10.93 -34.53 7.49
C ILE A 277 -11.71 -35.86 7.44
N GLU A 278 -12.39 -36.20 8.53
CA GLU A 278 -13.25 -37.38 8.56
C GLU A 278 -14.25 -37.33 7.39
N CYS A 279 -14.96 -36.21 7.27
CA CYS A 279 -15.92 -35.96 6.19
C CYS A 279 -15.29 -36.05 4.80
N LEU A 280 -14.13 -35.43 4.63
CA LEU A 280 -13.44 -35.43 3.35
C LEU A 280 -13.01 -36.84 2.99
N GLU A 281 -12.41 -37.54 3.95
CA GLU A 281 -11.96 -38.92 3.72
C GLU A 281 -13.12 -39.81 3.29
N ASN A 282 -14.27 -39.66 3.93
CA ASN A 282 -15.44 -40.49 3.58
C ASN A 282 -15.94 -40.28 2.15
N LYS A 283 -15.65 -39.12 1.55
CA LYS A 283 -16.00 -38.87 0.15
C LYS A 283 -15.02 -39.53 -0.81
N GLY A 284 -13.85 -39.92 -0.30
CA GLY A 284 -12.80 -40.50 -1.12
C GLY A 284 -11.66 -39.54 -1.40
N PHE A 285 -11.70 -38.34 -0.82
CA PHE A 285 -10.59 -37.40 -0.97
C PHE A 285 -9.40 -37.87 -0.15
N GLU A 286 -8.21 -37.61 -0.66
CA GLU A 286 -6.96 -37.93 0.02
C GLU A 286 -6.32 -36.64 0.49
N MET A 287 -6.07 -36.54 1.80
CA MET A 287 -5.54 -35.30 2.39
C MET A 287 -4.08 -35.46 2.80
N LEU A 288 -3.20 -34.64 2.24
CA LEU A 288 -1.78 -34.66 2.63
C LEU A 288 -1.61 -33.86 3.92
N GLN A 289 -1.00 -34.49 4.92
CA GLN A 289 -0.77 -33.84 6.19
C GLN A 289 0.58 -33.08 6.14
N VAL A 290 0.48 -31.77 6.13
CA VAL A 290 1.62 -30.86 6.08
C VAL A 290 1.89 -30.35 7.50
N ASP A 291 3.05 -29.76 7.72
CA ASP A 291 3.46 -29.30 9.06
C ASP A 291 2.47 -28.34 9.76
N ASP A 292 1.86 -27.43 9.00
CA ASP A 292 0.89 -26.47 9.55
C ASP A 292 -0.54 -27.04 9.49
N PRO A 293 -1.17 -27.29 10.66
CA PRO A 293 -2.55 -27.79 10.67
C PRO A 293 -3.59 -26.92 9.95
N LEU A 294 -3.29 -25.64 9.76
CA LEU A 294 -4.20 -24.72 9.08
C LEU A 294 -4.33 -24.95 7.57
N LYS A 295 -3.35 -25.64 6.98
CA LYS A 295 -3.34 -25.91 5.55
C LYS A 295 -3.73 -27.37 5.27
N LEU A 296 -4.79 -27.54 4.49
CA LEU A 296 -5.28 -28.84 4.14
C LEU A 296 -5.09 -28.99 2.62
N LEU A 297 -4.34 -30.02 2.23
CA LEU A 297 -4.05 -30.29 0.82
C LEU A 297 -4.88 -31.47 0.35
N ILE A 298 -5.76 -31.23 -0.63
CA ILE A 298 -6.75 -32.23 -1.01
C ILE A 298 -6.41 -32.83 -2.36
N LYS A 299 -6.47 -34.16 -2.44
CA LYS A 299 -6.30 -34.88 -3.70
C LYS A 299 -7.48 -35.81 -3.97
N TYR A 300 -7.61 -36.22 -5.21
CA TYR A 300 -8.58 -37.22 -5.62
C TYR A 300 -7.99 -37.99 -6.79
N GLU A 301 -7.89 -39.32 -6.67
CA GLU A 301 -7.15 -40.14 -7.62
C GLU A 301 -7.74 -40.06 -9.03
N GLY A 302 -6.91 -39.69 -10.01
CA GLY A 302 -7.32 -39.62 -11.41
C GLY A 302 -7.59 -38.20 -11.90
N PHE A 303 -7.91 -37.30 -10.98
CA PHE A 303 -8.27 -35.92 -11.33
C PHE A 303 -7.31 -34.93 -10.70
N THR A 304 -7.42 -33.67 -11.11
CA THR A 304 -6.41 -32.66 -10.79
C THR A 304 -6.85 -31.80 -9.61
N GLY A 305 -5.94 -30.95 -9.13
CA GLY A 305 -6.27 -30.02 -8.05
C GLY A 305 -7.24 -28.98 -8.58
N HIS A 306 -7.09 -28.65 -9.86
CA HIS A 306 -8.01 -27.73 -10.53
C HIS A 306 -9.43 -28.28 -10.52
N ASP A 307 -9.59 -29.55 -10.94
CA ASP A 307 -10.89 -30.23 -10.90
C ASP A 307 -11.55 -30.12 -9.53
N ILE A 308 -10.76 -30.39 -8.50
CA ILE A 308 -11.23 -30.37 -7.13
C ILE A 308 -11.75 -28.97 -6.79
N GLN A 309 -10.92 -27.97 -7.04
CA GLN A 309 -11.32 -26.57 -6.85
C GLN A 309 -12.63 -26.22 -7.57
N ASN A 310 -12.86 -26.78 -8.75
CA ASN A 310 -14.10 -26.56 -9.50
C ASN A 310 -15.29 -27.21 -8.81
N TRP A 311 -15.18 -28.49 -8.50
CA TRP A 311 -16.21 -29.23 -7.76
C TRP A 311 -16.63 -28.50 -6.49
N PHE A 312 -15.63 -28.00 -5.76
CA PHE A 312 -15.88 -27.21 -4.56
C PHE A 312 -16.55 -25.87 -4.85
N MET A 313 -16.13 -25.19 -5.92
CA MET A 313 -16.77 -23.93 -6.33
C MET A 313 -18.24 -24.13 -6.71
N ASN A 314 -18.56 -25.28 -7.28
CA ASN A 314 -19.92 -25.60 -7.68
C ASN A 314 -20.83 -25.76 -6.47
N ALA A 315 -20.24 -26.11 -5.32
CA ALA A 315 -20.94 -26.18 -4.03
C ALA A 315 -20.87 -24.85 -3.27
N HIS A 316 -20.33 -23.82 -3.92
CA HIS A 316 -20.17 -22.48 -3.34
C HIS A 316 -19.18 -22.47 -2.17
N ILE A 317 -18.20 -23.37 -2.25
CA ILE A 317 -17.08 -23.44 -1.34
C ILE A 317 -15.83 -23.02 -2.12
N TYR A 318 -15.10 -22.05 -1.57
CA TYR A 318 -13.99 -21.46 -2.27
C TYR A 318 -12.66 -21.80 -1.62
N LEU A 319 -11.85 -22.56 -2.36
CA LEU A 319 -10.51 -22.92 -1.93
C LEU A 319 -9.56 -21.79 -2.27
N GLU A 320 -8.38 -21.80 -1.66
CA GLU A 320 -7.35 -20.79 -1.90
C GLU A 320 -6.80 -20.86 -3.32
N LEU A 321 -6.28 -22.02 -3.71
CA LEU A 321 -5.70 -22.22 -5.05
C LEU A 321 -5.48 -23.72 -5.30
N ALA A 322 -5.05 -24.07 -6.51
CA ALA A 322 -4.71 -25.45 -6.85
C ALA A 322 -3.62 -25.48 -7.90
N ASP A 323 -2.88 -26.59 -7.89
CA ASP A 323 -2.03 -26.97 -9.01
C ASP A 323 -2.57 -28.29 -9.56
N ASP A 324 -1.86 -28.91 -10.48
CA ASP A 324 -2.28 -30.18 -11.04
C ASP A 324 -2.45 -31.26 -9.97
N TYR A 325 -1.57 -31.26 -8.97
CA TYR A 325 -1.53 -32.32 -7.96
C TYR A 325 -2.63 -32.22 -6.90
N GLN A 326 -2.95 -31.00 -6.48
CA GLN A 326 -3.69 -30.81 -5.25
C GLN A 326 -4.40 -29.47 -5.16
N ALA A 327 -5.50 -29.46 -4.43
CA ALA A 327 -6.22 -28.22 -4.12
C ALA A 327 -5.92 -27.88 -2.66
N LEU A 328 -5.71 -26.60 -2.38
CA LEU A 328 -5.33 -26.15 -1.03
C LEU A 328 -6.48 -25.44 -0.36
N ALA A 329 -6.81 -25.87 0.86
CA ALA A 329 -7.77 -25.20 1.70
C ALA A 329 -7.02 -24.58 2.87
N ILE A 330 -7.27 -23.30 3.13
CA ILE A 330 -6.80 -22.62 4.34
C ILE A 330 -7.95 -22.63 5.35
N LEU A 331 -7.76 -23.34 6.46
CA LEU A 331 -8.82 -23.55 7.43
C LEU A 331 -9.08 -22.31 8.27
N PRO A 332 -10.31 -22.16 8.77
CA PRO A 332 -10.61 -21.09 9.71
C PRO A 332 -10.07 -21.36 11.11
N LEU A 333 -9.63 -20.31 11.78
CA LEU A 333 -9.27 -20.43 13.17
C LEU A 333 -10.56 -20.40 13.97
N TRP A 334 -11.25 -21.54 13.96
CA TRP A 334 -12.55 -21.69 14.61
C TRP A 334 -12.50 -21.31 16.09
N HIS A 335 -13.62 -20.80 16.60
CA HIS A 335 -13.76 -20.50 18.02
C HIS A 335 -15.22 -20.55 18.46
N HIS A 336 -15.43 -20.61 19.77
CA HIS A 336 -16.77 -20.83 20.35
C HIS A 336 -17.86 -19.87 19.85
N ASP A 337 -17.49 -18.62 19.60
CA ASP A 337 -18.46 -17.59 19.18
C ASP A 337 -18.35 -17.21 17.70
N ASP A 338 -17.76 -18.09 16.89
CA ASP A 338 -17.64 -17.76 15.47
C ASP A 338 -18.98 -17.99 14.77
N THR A 339 -19.08 -17.47 13.55
CA THR A 339 -20.31 -17.47 12.80
C THR A 339 -20.09 -18.22 11.48
N TYR A 340 -19.16 -19.16 11.51
CA TYR A 340 -18.75 -19.87 10.31
C TYR A 340 -19.74 -20.99 10.00
N LEU A 341 -19.99 -21.23 8.70
CA LEU A 341 -21.01 -22.17 8.26
C LEU A 341 -20.45 -23.60 8.18
N PHE A 342 -20.00 -24.10 9.32
CA PHE A 342 -19.32 -25.39 9.40
C PHE A 342 -20.22 -26.56 9.02
N ASP A 343 -21.47 -26.56 9.50
CA ASP A 343 -22.41 -27.62 9.17
C ASP A 343 -22.70 -27.62 7.67
N SER A 344 -22.82 -26.44 7.08
CA SER A 344 -23.12 -26.32 5.65
C SER A 344 -21.97 -26.81 4.79
N LEU A 345 -20.75 -26.52 5.21
CA LEU A 345 -19.55 -27.05 4.57
C LEU A 345 -19.58 -28.59 4.55
N LEU A 346 -19.83 -29.20 5.71
CA LEU A 346 -19.89 -30.67 5.80
C LEU A 346 -21.03 -31.23 4.97
N ARG A 347 -22.19 -30.58 5.05
CA ARG A 347 -23.37 -30.98 4.27
C ARG A 347 -23.04 -30.94 2.79
N LYS A 348 -22.46 -29.83 2.35
CA LYS A 348 -22.08 -29.64 0.95
C LYS A 348 -21.05 -30.66 0.47
N ILE A 349 -20.09 -30.99 1.32
CA ILE A 349 -19.10 -32.00 0.97
C ILE A 349 -19.78 -33.38 0.89
N GLU A 350 -20.62 -33.68 1.88
CA GLU A 350 -21.30 -34.97 1.96
C GLU A 350 -22.04 -35.29 0.67
N ASP A 351 -22.93 -34.39 0.26
CA ASP A 351 -23.81 -34.63 -0.88
C ASP A 351 -23.19 -34.24 -2.25
N MET A 352 -21.86 -34.03 -2.30
CA MET A 352 -21.16 -33.86 -3.59
C MET A 352 -21.23 -35.14 -4.41
N ILE A 353 -21.38 -35.00 -5.72
CA ILE A 353 -21.43 -36.12 -6.63
C ILE A 353 -20.15 -36.13 -7.47
N LEU A 354 -19.20 -36.98 -7.06
CA LEU A 354 -17.87 -37.02 -7.66
C LEU A 354 -17.76 -38.17 -8.65
N PRO A 355 -16.93 -38.00 -9.70
CA PRO A 355 -16.67 -39.10 -10.63
C PRO A 355 -15.89 -40.24 -9.99
N LYS A 356 -15.88 -41.39 -10.66
CA LYS A 356 -15.14 -42.55 -10.20
C LYS A 356 -13.65 -42.31 -10.45
N LYS A 357 -12.83 -42.64 -9.46
CA LYS A 357 -11.37 -42.49 -9.55
C LYS A 357 -10.73 -43.24 -10.72
N SER A 358 -9.49 -42.83 -11.05
CA SER A 358 -8.75 -43.43 -12.15
C SER A 358 -7.27 -43.13 -12.03
N THR A 365 6.78 -32.90 -11.92
CA THR A 365 7.78 -31.95 -12.40
C THR A 365 8.96 -31.88 -11.42
N GLN A 366 10.15 -32.23 -11.90
CA GLN A 366 11.39 -32.11 -11.14
C GLN A 366 11.89 -30.67 -11.21
N LEU A 367 11.80 -29.97 -10.09
CA LEU A 367 12.11 -28.53 -10.06
C LEU A 367 13.64 -28.37 -10.10
N LEU A 368 14.10 -27.20 -10.56
CA LEU A 368 15.51 -26.84 -10.54
C LEU A 368 15.92 -26.51 -9.11
N THR A 369 16.90 -27.26 -8.59
CA THR A 369 17.34 -27.10 -7.20
C THR A 369 18.67 -26.33 -7.10
N THR A 370 19.42 -26.30 -8.18
CA THR A 370 20.76 -25.70 -8.17
C THR A 370 20.79 -24.20 -7.81
N GLU A 371 21.84 -23.80 -7.09
CA GLU A 371 22.10 -22.38 -6.80
C GLU A 371 22.37 -21.64 -8.09
N GLY A 372 22.31 -20.30 -8.03
CA GLY A 372 22.56 -19.47 -9.20
C GLY A 372 22.52 -17.99 -8.90
N ASN A 373 23.31 -17.22 -9.63
CA ASN A 373 23.38 -15.78 -9.40
C ASN A 373 22.24 -15.04 -10.07
N TYR A 374 21.91 -13.89 -9.51
CA TYR A 374 20.82 -13.06 -10.02
C TYR A 374 21.36 -11.67 -10.29
N LYS A 375 20.92 -11.09 -11.39
CA LYS A 375 21.34 -9.76 -11.78
C LYS A 375 20.07 -8.93 -11.96
N PRO A 376 20.07 -7.70 -11.39
CA PRO A 376 18.84 -6.89 -11.41
C PRO A 376 18.50 -6.26 -12.78
N LYS A 377 19.37 -6.45 -13.78
CA LYS A 377 19.15 -5.98 -15.16
C LYS A 377 17.70 -5.61 -15.49
N TRP A 384 13.94 -13.38 -28.71
CA TRP A 384 13.75 -14.80 -28.44
C TRP A 384 14.90 -15.59 -29.01
N CYS A 385 15.46 -16.48 -28.19
CA CYS A 385 16.64 -17.25 -28.54
C CYS A 385 16.43 -18.74 -28.37
N ASP A 386 16.80 -19.52 -29.37
CA ASP A 386 16.76 -20.98 -29.28
C ASP A 386 17.37 -21.44 -27.95
N LEU A 387 16.64 -22.33 -27.26
CA LEU A 387 17.07 -22.79 -25.94
C LEU A 387 18.48 -23.39 -25.96
N LYS A 388 18.83 -24.06 -27.05
CA LYS A 388 20.13 -24.72 -27.21
C LYS A 388 21.27 -23.72 -27.29
N LYS A 389 20.96 -22.53 -27.81
CA LYS A 389 21.96 -21.50 -28.07
C LYS A 389 21.96 -20.43 -26.97
N ALA A 390 21.20 -20.67 -25.91
CA ALA A 390 20.98 -19.69 -24.84
C ALA A 390 22.03 -19.68 -23.70
N LYS A 391 22.95 -20.65 -23.67
CA LYS A 391 23.88 -20.75 -22.55
C LYS A 391 24.73 -19.49 -22.45
N GLY A 392 24.79 -18.91 -21.25
CA GLY A 392 25.57 -17.71 -20.98
C GLY A 392 24.75 -16.43 -21.06
N LYS A 393 23.55 -16.47 -21.64
CA LYS A 393 22.68 -15.29 -21.73
C LYS A 393 21.94 -15.12 -20.40
N VAL A 394 21.47 -13.91 -20.14
CA VAL A 394 20.69 -13.61 -18.94
C VAL A 394 19.19 -13.71 -19.25
N LEU A 395 18.47 -14.56 -18.55
CA LEU A 395 17.03 -14.71 -18.79
C LEU A 395 16.24 -13.42 -18.54
N ALA A 396 15.36 -13.06 -19.48
CA ALA A 396 14.54 -11.84 -19.40
C ALA A 396 13.07 -12.13 -19.03
N ARG A 397 12.66 -13.39 -19.03
CA ARG A 397 11.31 -13.75 -18.61
C ARG A 397 11.30 -15.09 -17.90
N HIS A 398 10.54 -15.17 -16.81
CA HIS A 398 10.44 -16.37 -15.96
C HIS A 398 10.09 -17.62 -16.75
N ILE A 399 10.76 -18.73 -16.41
CA ILE A 399 10.42 -20.04 -16.94
C ILE A 399 9.60 -20.78 -15.89
N VAL A 400 8.34 -21.06 -16.26
CA VAL A 400 7.34 -21.54 -15.32
C VAL A 400 6.70 -22.83 -15.83
N PRO A 401 7.09 -23.98 -15.26
CA PRO A 401 6.52 -25.24 -15.72
C PRO A 401 5.13 -25.47 -15.14
N TYR A 402 4.23 -26.00 -15.97
CA TYR A 402 2.92 -26.44 -15.49
C TYR A 402 2.78 -27.96 -15.67
N PRO A 403 2.72 -28.72 -14.56
CA PRO A 403 2.75 -28.29 -13.15
C PRO A 403 4.17 -27.99 -12.64
N PRO A 404 4.29 -27.41 -11.43
CA PRO A 404 3.25 -26.91 -10.54
C PRO A 404 2.92 -25.43 -10.71
N GLY A 405 3.44 -24.79 -11.74
CA GLY A 405 3.05 -23.42 -12.09
C GLY A 405 3.71 -22.32 -11.28
N ILE A 406 4.91 -22.60 -10.75
CA ILE A 406 5.75 -21.58 -10.12
C ILE A 406 7.12 -21.56 -10.82
N PRO A 407 7.82 -20.41 -10.80
CA PRO A 407 9.09 -20.27 -11.52
C PRO A 407 10.23 -21.17 -11.02
N ILE A 408 10.91 -21.84 -11.95
CA ILE A 408 12.12 -22.58 -11.63
C ILE A 408 13.36 -21.77 -11.98
N ILE A 409 13.24 -20.89 -12.97
CA ILE A 409 14.33 -20.02 -13.37
C ILE A 409 13.73 -18.64 -13.49
N PHE A 410 14.33 -17.67 -12.80
CA PHE A 410 13.81 -16.31 -12.78
C PHE A 410 14.54 -15.42 -13.76
N LYS A 411 13.79 -14.50 -14.35
CA LYS A 411 14.37 -13.36 -15.07
C LYS A 411 15.52 -12.77 -14.25
N GLY A 412 16.66 -12.54 -14.91
CA GLY A 412 17.87 -12.07 -14.23
C GLY A 412 18.84 -13.19 -13.87
N GLU A 413 18.45 -14.45 -14.08
CA GLU A 413 19.34 -15.60 -13.88
C GLU A 413 20.18 -15.85 -15.13
N THR A 414 21.38 -16.41 -14.94
CA THR A 414 22.20 -16.80 -16.09
C THR A 414 21.90 -18.22 -16.51
N ILE A 415 21.66 -18.40 -17.81
CA ILE A 415 21.26 -19.69 -18.32
C ILE A 415 22.51 -20.57 -18.37
N THR A 416 22.38 -21.82 -17.91
CA THR A 416 23.46 -22.81 -17.88
C THR A 416 23.12 -24.06 -18.70
N GLU A 417 24.15 -24.88 -18.99
CA GLU A 417 23.95 -26.16 -19.70
C GLU A 417 22.83 -26.98 -19.01
N ASN A 418 22.86 -27.01 -17.69
CA ASN A 418 21.93 -27.85 -16.92
C ASN A 418 20.48 -27.34 -16.95
N MET A 419 20.30 -26.03 -16.93
CA MET A 419 18.97 -25.43 -17.09
C MET A 419 18.39 -25.81 -18.45
N ILE A 420 19.21 -25.75 -19.49
CA ILE A 420 18.81 -26.12 -20.85
C ILE A 420 18.42 -27.59 -20.92
N GLU A 421 19.27 -28.47 -20.39
CA GLU A 421 18.98 -29.91 -20.30
C GLU A 421 17.62 -30.14 -19.61
N LEU A 422 17.48 -29.58 -18.41
CA LEU A 422 16.23 -29.73 -17.64
C LEU A 422 15.01 -29.23 -18.40
N VAL A 423 15.08 -28.00 -18.90
CA VAL A 423 13.95 -27.41 -19.63
C VAL A 423 13.60 -28.19 -20.90
N ASN A 424 14.61 -28.70 -21.61
CA ASN A 424 14.34 -29.48 -22.83
C ASN A 424 13.60 -30.79 -22.52
N GLU A 425 13.99 -31.48 -21.44
CA GLU A 425 13.27 -32.67 -20.95
C GLU A 425 11.83 -32.33 -20.53
N TYR A 426 11.61 -31.15 -19.93
CA TYR A 426 10.24 -30.67 -19.68
C TYR A 426 9.43 -30.73 -20.99
N LEU A 427 9.97 -30.08 -22.02
CA LEU A 427 9.31 -30.00 -23.32
C LEU A 427 9.19 -31.37 -23.99
N GLU A 428 10.25 -32.18 -23.91
CA GLU A 428 10.20 -33.57 -24.39
C GLU A 428 8.96 -34.33 -23.91
N THR A 429 8.63 -34.15 -22.63
CA THR A 429 7.60 -34.94 -21.96
C THR A 429 6.17 -34.40 -22.10
N GLY A 430 6.00 -33.26 -22.77
CA GLY A 430 4.66 -32.67 -22.96
C GLY A 430 4.23 -31.72 -21.85
N MET A 431 5.15 -31.43 -20.95
CA MET A 431 4.88 -30.50 -19.88
C MET A 431 4.78 -29.08 -20.45
N ILE A 432 3.70 -28.38 -20.12
CA ILE A 432 3.52 -26.98 -20.54
C ILE A 432 4.54 -26.12 -19.82
N VAL A 433 5.31 -25.34 -20.59
CA VAL A 433 6.28 -24.40 -20.01
C VAL A 433 5.99 -22.97 -20.48
N GLU A 434 5.63 -22.10 -19.56
CA GLU A 434 5.52 -20.66 -19.87
C GLU A 434 6.92 -20.05 -19.79
N GLY A 435 7.12 -18.94 -20.50
CA GLY A 435 8.45 -18.36 -20.71
C GLY A 435 9.17 -18.96 -21.91
N ILE A 436 8.51 -19.88 -22.59
CA ILE A 436 9.05 -20.55 -23.77
C ILE A 436 8.08 -20.37 -24.91
N LYS A 437 8.62 -20.01 -26.08
CA LYS A 437 7.81 -19.85 -27.29
C LYS A 437 8.60 -20.33 -28.49
N ASN A 438 8.05 -21.29 -29.21
CA ASN A 438 8.72 -21.90 -30.35
C ASN A 438 10.10 -22.44 -29.95
N ASN A 439 10.14 -23.19 -28.86
CA ASN A 439 11.39 -23.65 -28.24
C ASN A 439 12.45 -22.56 -28.08
N LYS A 440 12.01 -21.31 -27.92
CA LYS A 440 12.91 -20.19 -27.64
C LYS A 440 12.63 -19.66 -26.24
N ILE A 441 13.61 -18.96 -25.66
CA ILE A 441 13.49 -18.30 -24.37
C ILE A 441 13.83 -16.82 -24.54
N LEU A 442 13.28 -15.96 -23.68
CA LEU A 442 13.46 -14.52 -23.84
C LEU A 442 14.74 -14.07 -23.12
N VAL A 443 15.68 -13.52 -23.90
CA VAL A 443 16.94 -13.01 -23.37
C VAL A 443 17.15 -11.56 -23.83
N PRO B 5 -6.45 0.10 21.94
CA PRO B 5 -6.25 1.54 22.04
C PRO B 5 -6.80 2.32 20.86
N ILE B 6 -6.46 1.89 19.65
CA ILE B 6 -6.94 2.56 18.44
C ILE B 6 -8.47 2.42 18.35
N LEU B 7 -8.97 1.20 18.52
CA LEU B 7 -10.41 0.94 18.48
C LEU B 7 -11.15 1.76 19.54
N ASN B 8 -10.56 1.81 20.74
CA ASN B 8 -11.11 2.56 21.86
C ASN B 8 -11.24 4.07 21.54
N LYS B 9 -10.27 4.63 20.83
CA LYS B 9 -10.34 6.03 20.40
C LYS B 9 -11.36 6.23 19.27
N LEU B 10 -11.40 5.28 18.34
CA LEU B 10 -12.34 5.35 17.22
C LEU B 10 -13.78 5.22 17.71
N GLU B 11 -14.03 4.30 18.64
CA GLU B 11 -15.34 4.21 19.28
C GLU B 11 -15.70 5.52 19.99
N SER B 12 -14.75 6.10 20.74
CA SER B 12 -15.03 7.32 21.50
C SER B 12 -15.44 8.47 20.57
N LEU B 13 -14.70 8.66 19.47
CA LEU B 13 -15.04 9.67 18.47
C LEU B 13 -16.44 9.45 17.89
N ASN B 14 -16.83 8.19 17.71
CA ASN B 14 -18.20 7.85 17.28
C ASN B 14 -19.26 8.29 18.30
N GLN B 15 -19.02 8.02 19.58
CA GLN B 15 -19.96 8.37 20.66
C GLN B 15 -20.09 9.88 20.88
N GLU B 16 -19.02 10.61 20.61
CA GLU B 16 -19.04 12.07 20.68
C GLU B 16 -19.64 12.68 19.43
N GLU B 17 -20.00 11.83 18.47
CA GLU B 17 -20.62 12.24 17.21
C GLU B 17 -19.74 13.27 16.51
N ALA B 18 -18.47 12.89 16.31
CA ALA B 18 -17.51 13.81 15.69
C ALA B 18 -17.97 14.20 14.29
N ILE B 19 -17.78 15.49 13.94
CA ILE B 19 -18.12 16.02 12.61
C ILE B 19 -16.86 16.24 11.76
N SER B 20 -16.80 15.59 10.60
CA SER B 20 -15.61 15.65 9.75
C SER B 20 -15.62 16.82 8.78
N LEU B 21 -14.60 17.67 8.87
CA LEU B 21 -14.22 18.56 7.79
C LEU B 21 -12.80 18.16 7.35
N HIS B 22 -12.55 16.85 7.36
CA HIS B 22 -11.25 16.28 7.00
C HIS B 22 -11.34 15.10 6.03
N VAL B 23 -10.20 14.66 5.52
CA VAL B 23 -10.15 13.48 4.66
C VAL B 23 -10.46 12.24 5.52
N PRO B 24 -11.09 11.20 4.94
CA PRO B 24 -11.53 11.04 3.56
C PRO B 24 -12.89 11.63 3.24
N GLY B 25 -13.18 11.74 1.93
CA GLY B 25 -14.38 12.41 1.42
C GLY B 25 -15.71 11.70 1.60
N HIS B 26 -15.74 10.59 2.34
CA HIS B 26 -17.02 9.99 2.77
C HIS B 26 -17.47 10.54 4.13
N LYS B 27 -16.59 11.29 4.78
CA LYS B 27 -16.92 12.08 5.98
C LYS B 27 -17.61 11.25 7.08
N ASN B 28 -16.87 10.27 7.63
CA ASN B 28 -17.38 9.36 8.64
C ASN B 28 -18.68 8.67 8.19
N MET B 29 -18.72 8.28 6.91
CA MET B 29 -19.85 7.54 6.32
C MET B 29 -21.15 8.32 6.27
N THR B 30 -21.02 9.62 6.01
CA THR B 30 -22.18 10.49 5.88
C THR B 30 -22.38 10.96 4.44
N ILE B 31 -21.29 11.11 3.69
CA ILE B 31 -21.33 11.42 2.27
C ILE B 31 -21.01 10.15 1.50
N GLY B 32 -21.66 9.99 0.35
CA GLY B 32 -21.42 8.86 -0.54
C GLY B 32 -22.33 7.68 -0.25
N HIS B 33 -22.16 6.62 -1.02
CA HIS B 33 -22.98 5.42 -0.91
C HIS B 33 -22.17 4.20 -0.48
N LEU B 34 -21.25 4.39 0.46
CA LEU B 34 -20.43 3.29 0.95
C LEU B 34 -21.13 2.45 2.01
N SER B 35 -22.28 2.92 2.50
CA SER B 35 -23.19 2.08 3.27
C SER B 35 -23.58 0.79 2.53
N GLN B 36 -23.44 0.77 1.20
CA GLN B 36 -23.71 -0.43 0.39
C GLN B 36 -22.60 -1.48 0.48
N LEU B 37 -21.40 -1.07 0.88
CA LEU B 37 -20.32 -2.00 1.14
C LEU B 37 -20.49 -2.67 2.49
N SER B 38 -19.87 -3.84 2.64
CA SER B 38 -19.73 -4.46 3.95
C SER B 38 -18.43 -5.27 4.01
N MET B 39 -17.94 -5.50 5.22
CA MET B 39 -16.65 -6.15 5.40
C MET B 39 -16.65 -7.62 4.98
N THR B 40 -17.84 -8.21 4.86
CA THR B 40 -17.97 -9.57 4.36
CA THR B 40 -17.98 -9.58 4.35
C THR B 40 -17.50 -9.66 2.89
N MET B 41 -17.47 -8.52 2.23
CA MET B 41 -16.96 -8.41 0.86
C MET B 41 -15.43 -8.25 0.79
N ASP B 42 -14.74 -8.17 1.93
CA ASP B 42 -13.26 -8.11 1.94
C ASP B 42 -12.68 -9.48 1.56
N LYS B 43 -12.61 -9.76 0.26
CA LYS B 43 -12.28 -11.11 -0.22
C LYS B 43 -10.90 -11.14 -0.90
N THR B 44 -10.76 -11.89 -1.99
CA THR B 44 -9.45 -12.11 -2.60
C THR B 44 -9.64 -12.58 -4.04
N GLU B 45 -8.54 -12.95 -4.69
CA GLU B 45 -8.53 -13.39 -6.09
C GLU B 45 -9.10 -14.81 -6.29
N ILE B 46 -10.34 -15.01 -5.86
CA ILE B 46 -11.05 -16.26 -6.11
C ILE B 46 -11.73 -16.15 -7.49
N PRO B 47 -11.83 -17.26 -8.24
CA PRO B 47 -12.49 -17.19 -9.55
C PRO B 47 -13.88 -16.55 -9.45
N GLY B 48 -14.18 -15.63 -10.37
CA GLY B 48 -15.41 -14.84 -10.30
C GLY B 48 -15.10 -13.40 -9.92
N LEU B 49 -14.15 -13.23 -9.01
CA LEU B 49 -13.49 -11.95 -8.81
C LEU B 49 -12.22 -12.03 -9.64
N ASP B 50 -11.65 -10.87 -9.96
CA ASP B 50 -10.63 -10.79 -11.01
C ASP B 50 -9.23 -10.88 -10.37
N ASP B 51 -8.29 -10.04 -10.84
CA ASP B 51 -6.96 -9.90 -10.26
C ASP B 51 -6.49 -8.51 -10.70
N LEU B 52 -6.28 -7.62 -9.73
CA LEU B 52 -5.89 -6.22 -10.00
C LEU B 52 -4.60 -6.10 -10.83
N HIS B 53 -3.64 -6.98 -10.55
CA HIS B 53 -2.33 -6.94 -11.21
C HIS B 53 -2.35 -7.77 -12.49
N HIS B 54 -3.54 -8.19 -12.92
CA HIS B 54 -3.70 -8.94 -14.17
C HIS B 54 -5.18 -8.84 -14.61
N PRO B 55 -5.71 -7.61 -14.72
CA PRO B 55 -7.15 -7.42 -14.84
C PRO B 55 -7.69 -7.72 -16.24
N GLU B 56 -8.56 -8.73 -16.35
CA GLU B 56 -9.19 -9.12 -17.62
C GLU B 56 -10.67 -9.54 -17.48
N GLU B 57 -11.32 -9.13 -16.38
CA GLU B 57 -12.75 -9.42 -16.15
C GLU B 57 -13.45 -8.26 -15.42
N VAL B 58 -14.11 -8.55 -14.29
CA VAL B 58 -14.90 -7.55 -13.56
C VAL B 58 -14.12 -6.29 -13.14
N ILE B 59 -12.81 -6.40 -12.93
CA ILE B 59 -11.98 -5.22 -12.58
C ILE B 59 -11.71 -4.35 -13.81
N LEU B 60 -11.40 -4.98 -14.94
CA LEU B 60 -11.20 -4.25 -16.20
C LEU B 60 -12.49 -3.55 -16.63
N LYS B 61 -13.62 -4.22 -16.47
CA LYS B 61 -14.93 -3.61 -16.71
C LYS B 61 -15.17 -2.41 -15.78
N SER B 62 -14.77 -2.57 -14.53
CA SER B 62 -14.80 -1.47 -13.56
C SER B 62 -13.85 -0.35 -13.96
N MET B 63 -12.67 -0.72 -14.45
CA MET B 63 -11.68 0.28 -14.88
C MET B 63 -12.24 1.16 -16.00
N LYS B 64 -12.97 0.54 -16.92
CA LYS B 64 -13.64 1.24 -18.01
C LYS B 64 -14.70 2.22 -17.47
N GLN B 65 -15.24 1.93 -16.29
CA GLN B 65 -16.22 2.82 -15.63
C GLN B 65 -15.57 3.95 -14.82
N VAL B 66 -14.33 3.76 -14.33
CA VAL B 66 -13.61 4.84 -13.65
C VAL B 66 -13.15 5.92 -14.64
N GLU B 67 -13.23 5.64 -15.94
CA GLU B 67 -12.82 6.59 -16.98
C GLU B 67 -13.51 7.96 -16.83
N LYS B 68 -12.72 9.02 -16.88
CA LYS B 68 -13.23 10.40 -16.89
C LYS B 68 -12.97 11.08 -18.22
N HIS B 69 -11.94 10.61 -18.93
CA HIS B 69 -11.54 11.18 -20.21
C HIS B 69 -11.12 10.05 -21.15
N SER B 70 -11.49 10.16 -22.42
CA SER B 70 -11.31 9.06 -23.40
C SER B 70 -9.88 8.90 -23.91
N ASP B 71 -9.03 9.89 -23.67
CA ASP B 71 -7.60 9.79 -23.98
C ASP B 71 -6.83 9.03 -22.87
N TYR B 72 -7.51 8.61 -21.80
CA TYR B 72 -6.82 7.99 -20.66
C TYR B 72 -7.33 6.61 -20.27
N ASP B 73 -6.41 5.76 -19.82
CA ASP B 73 -6.79 4.57 -19.09
C ASP B 73 -6.63 4.85 -17.61
N GLY B 74 -7.56 4.37 -16.79
CA GLY B 74 -7.44 4.46 -15.34
C GLY B 74 -7.00 3.13 -14.74
N TYR B 75 -6.29 3.22 -13.63
CA TYR B 75 -5.83 2.06 -12.89
C TYR B 75 -6.16 2.28 -11.42
N PHE B 76 -6.69 1.25 -10.76
CA PHE B 76 -7.01 1.35 -9.34
C PHE B 76 -5.75 1.29 -8.50
N LEU B 77 -5.63 2.17 -7.50
CA LEU B 77 -4.54 2.14 -6.54
C LEU B 77 -5.09 1.88 -5.13
N VAL B 78 -4.52 0.89 -4.45
CA VAL B 78 -4.87 0.59 -3.06
C VAL B 78 -3.82 1.08 -2.06
N ASN B 79 -2.66 1.52 -2.56
CA ASN B 79 -1.65 2.09 -1.70
C ASN B 79 -1.49 3.59 -1.99
N GLY B 80 -2.62 4.26 -2.20
CA GLY B 80 -2.67 5.70 -2.37
C GLY B 80 -2.07 6.20 -3.66
N THR B 81 -2.15 7.52 -3.87
CA THR B 81 -1.44 8.21 -4.95
C THR B 81 0.06 8.02 -4.85
N THR B 82 0.53 7.83 -3.63
CA THR B 82 1.91 7.41 -3.36
C THR B 82 2.37 6.32 -4.33
N SER B 83 1.60 5.24 -4.46
CA SER B 83 1.97 4.09 -5.33
C SER B 83 1.93 4.40 -6.84
N GLY B 84 0.96 5.19 -7.28
CA GLY B 84 0.98 5.72 -8.64
C GLY B 84 2.28 6.49 -8.88
N ILE B 85 2.61 7.37 -7.94
CA ILE B 85 3.75 8.26 -8.10
C ILE B 85 5.08 7.48 -8.11
N LEU B 86 5.22 6.47 -7.26
CA LEU B 86 6.41 5.60 -7.28
C LEU B 86 6.53 4.89 -8.64
N SER B 87 5.40 4.47 -9.19
CA SER B 87 5.40 3.65 -10.42
C SER B 87 5.70 4.43 -11.68
N VAL B 88 5.23 5.68 -11.77
CA VAL B 88 5.53 6.55 -12.92
C VAL B 88 7.02 6.92 -12.95
N ILE B 89 7.54 7.38 -11.81
CA ILE B 89 8.94 7.85 -11.72
C ILE B 89 9.99 6.73 -11.83
N GLN B 90 9.69 5.55 -11.29
CA GLN B 90 10.62 4.42 -11.42
C GLN B 90 10.84 4.05 -12.89
N SER B 91 9.83 4.22 -13.75
CA SER B 91 9.96 3.85 -15.17
C SER B 91 10.98 4.70 -15.94
N PHE B 92 11.39 5.84 -15.36
CA PHE B 92 12.39 6.72 -15.97
C PHE B 92 13.82 6.45 -15.50
N SER B 93 13.99 5.48 -14.59
CA SER B 93 15.29 5.27 -13.92
C SER B 93 16.44 4.97 -14.88
N GLN B 94 16.19 4.21 -15.94
CA GLN B 94 17.26 3.86 -16.87
C GLN B 94 17.39 4.81 -18.07
N LYS B 95 16.61 5.88 -18.06
CA LYS B 95 16.69 6.88 -19.13
C LYS B 95 17.65 8.01 -18.74
N LYS B 96 18.34 8.56 -19.74
CA LYS B 96 19.24 9.69 -19.54
C LYS B 96 18.45 10.94 -19.16
N GLY B 97 19.05 11.77 -18.31
CA GLY B 97 18.49 13.05 -17.93
C GLY B 97 18.00 13.08 -16.49
N ASP B 98 17.43 14.22 -16.10
CA ASP B 98 16.95 14.39 -14.73
C ASP B 98 15.44 14.72 -14.68
N ILE B 99 14.88 14.69 -13.47
CA ILE B 99 13.44 14.90 -13.24
C ILE B 99 13.20 16.30 -12.65
N LEU B 100 12.51 17.16 -13.39
CA LEU B 100 12.14 18.50 -12.91
C LEU B 100 10.94 18.44 -11.96
N MET B 101 10.90 19.35 -10.99
CA MET B 101 10.00 19.26 -9.83
C MET B 101 9.62 20.65 -9.33
N ALA B 102 8.34 20.84 -9.01
CA ALA B 102 7.94 22.04 -8.29
C ALA B 102 8.50 21.91 -6.88
N ARG B 103 8.65 23.03 -6.18
CA ARG B 103 9.14 22.99 -4.79
C ARG B 103 8.09 22.45 -3.82
N ASN B 104 6.84 22.32 -4.28
CA ASN B 104 5.75 21.72 -3.50
C ASN B 104 5.30 20.34 -4.01
N VAL B 105 6.24 19.57 -4.53
CA VAL B 105 6.00 18.15 -4.71
C VAL B 105 5.86 17.45 -3.37
N HIS B 106 5.01 16.43 -3.33
CA HIS B 106 4.75 15.65 -2.12
C HIS B 106 5.96 14.78 -1.88
N LYS B 107 6.19 14.44 -0.62
CA LYS B 107 7.36 13.64 -0.22
C LYS B 107 7.53 12.36 -1.03
N SER B 108 6.43 11.78 -1.52
CA SER B 108 6.46 10.55 -2.33
C SER B 108 7.33 10.67 -3.57
N VAL B 109 7.34 11.86 -4.16
CA VAL B 109 8.18 12.18 -5.31
C VAL B 109 9.65 12.16 -4.93
N LEU B 110 9.99 12.64 -3.73
CA LEU B 110 11.39 12.64 -3.27
C LEU B 110 11.77 11.24 -2.81
N HIS B 111 10.81 10.51 -2.30
CA HIS B 111 11.03 9.10 -1.96
C HIS B 111 11.29 8.31 -3.24
N ALA B 112 10.56 8.63 -4.31
CA ALA B 112 10.74 7.94 -5.59
C ALA B 112 12.15 8.17 -6.17
N LEU B 113 12.61 9.42 -6.16
CA LEU B 113 13.95 9.73 -6.65
C LEU B 113 15.05 9.08 -5.80
N ASP B 114 14.82 8.98 -4.49
CA ASP B 114 15.79 8.37 -3.59
C ASP B 114 15.94 6.87 -3.88
N ILE B 115 14.82 6.14 -3.82
CA ILE B 115 14.85 4.68 -3.99
C ILE B 115 15.24 4.24 -5.41
N SER B 116 14.97 5.10 -6.40
CA SER B 116 15.32 4.79 -7.80
C SER B 116 16.68 5.39 -8.18
N GLN B 117 17.23 6.27 -7.34
CA GLN B 117 18.54 6.91 -7.56
C GLN B 117 18.58 7.78 -8.83
N GLN B 118 17.73 8.80 -8.88
CA GLN B 118 17.58 9.63 -10.07
C GLN B 118 17.89 11.09 -9.82
N GLU B 119 18.54 11.72 -10.80
CA GLU B 119 18.94 13.11 -10.73
C GLU B 119 17.64 13.91 -10.77
N GLY B 120 17.59 15.02 -10.02
CA GLY B 120 16.43 15.89 -9.98
C GLY B 120 16.82 17.35 -10.05
N HIS B 121 15.81 18.21 -10.22
CA HIS B 121 16.02 19.66 -10.32
C HIS B 121 14.72 20.40 -10.04
N PHE B 122 14.76 21.30 -9.07
CA PHE B 122 13.58 22.07 -8.72
C PHE B 122 13.41 23.26 -9.66
N ILE B 123 12.17 23.49 -10.09
CA ILE B 123 11.80 24.62 -10.96
C ILE B 123 11.50 25.83 -10.10
N GLU B 124 11.69 27.02 -10.66
CA GLU B 124 11.36 28.25 -9.94
C GLU B 124 9.91 28.12 -9.48
N THR B 125 9.67 28.20 -8.17
CA THR B 125 8.34 27.95 -7.60
C THR B 125 7.95 29.10 -6.69
N HIS B 126 6.78 29.69 -6.95
CA HIS B 126 6.40 30.96 -6.34
C HIS B 126 5.29 30.82 -5.29
N GLN B 127 5.21 31.84 -4.46
CA GLN B 127 4.40 31.82 -3.25
C GLN B 127 3.10 32.56 -3.51
N SER B 128 1.98 32.03 -3.00
CA SER B 128 0.70 32.70 -3.10
C SER B 128 0.71 33.94 -2.24
N PRO B 129 0.16 35.06 -2.73
CA PRO B 129 -0.07 36.22 -1.86
C PRO B 129 -1.28 36.03 -0.93
N LEU B 130 -2.12 35.03 -1.24
CA LEU B 130 -3.33 34.76 -0.47
C LEU B 130 -3.01 33.85 0.69
N THR B 131 -2.39 32.71 0.40
CA THR B 131 -2.18 31.64 1.38
C THR B 131 -0.78 31.58 1.96
N ASN B 132 0.16 32.34 1.39
CA ASN B 132 1.56 32.26 1.77
C ASN B 132 2.22 30.90 1.51
N HIS B 133 1.62 30.09 0.64
CA HIS B 133 2.13 28.76 0.32
C HIS B 133 2.54 28.74 -1.15
N TYR B 134 3.33 27.75 -1.54
CA TYR B 134 3.66 27.57 -2.96
C TYR B 134 2.40 27.41 -3.80
N ASN B 135 2.27 28.16 -4.90
CA ASN B 135 1.08 27.98 -5.75
C ASN B 135 1.27 27.95 -7.26
N LYS B 136 2.49 28.13 -7.75
CA LYS B 136 2.75 28.13 -9.20
C LYS B 136 4.23 27.97 -9.50
N VAL B 137 4.54 27.60 -10.74
CA VAL B 137 5.93 27.45 -11.18
C VAL B 137 6.20 28.30 -12.42
N ASN B 138 7.48 28.60 -12.64
CA ASN B 138 7.89 29.28 -13.86
C ASN B 138 9.00 28.48 -14.54
N LEU B 139 8.79 28.12 -15.80
CA LEU B 139 9.83 27.52 -16.62
C LEU B 139 10.87 28.57 -17.03
N HIS B 147 14.87 16.91 -17.08
CA HIS B 147 14.43 17.16 -18.45
C HIS B 147 13.92 15.89 -19.13
N LYS B 148 13.88 14.77 -18.41
CA LYS B 148 13.25 13.55 -18.92
C LYS B 148 11.81 13.42 -18.42
N LEU B 149 11.47 14.19 -17.39
CA LEU B 149 10.15 14.17 -16.78
C LEU B 149 10.00 15.42 -15.91
N VAL B 150 8.77 15.90 -15.80
CA VAL B 150 8.43 17.02 -14.95
C VAL B 150 7.34 16.55 -14.00
N VAL B 151 7.47 16.91 -12.71
CA VAL B 151 6.44 16.62 -11.73
C VAL B 151 5.90 17.92 -11.13
N LEU B 152 4.58 18.07 -11.18
CA LEU B 152 3.94 19.27 -10.67
C LEU B 152 2.80 18.85 -9.78
N THR B 153 2.56 19.64 -8.74
CA THR B 153 1.36 19.50 -7.92
C THR B 153 0.28 20.43 -8.44
N TYR B 154 -0.93 19.90 -8.58
CA TYR B 154 -2.08 20.65 -9.09
C TYR B 154 -3.38 20.00 -8.61
N PRO B 155 -4.21 20.70 -7.81
CA PRO B 155 -3.93 21.99 -7.17
C PRO B 155 -2.88 21.81 -6.09
N ASN B 156 -2.47 22.90 -5.43
CA ASN B 156 -1.73 22.75 -4.19
C ASN B 156 -2.71 22.30 -3.11
N TYR B 157 -2.17 22.02 -1.94
CA TYR B 157 -2.93 21.51 -0.80
C TYR B 157 -4.17 22.33 -0.47
N TYR B 158 -4.00 23.65 -0.53
CA TYR B 158 -5.03 24.61 -0.18
C TYR B 158 -6.00 24.91 -1.34
N GLY B 159 -5.97 24.08 -2.38
CA GLY B 159 -6.92 24.19 -3.50
C GLY B 159 -6.69 25.35 -4.45
N GLU B 160 -5.46 25.85 -4.53
CA GLU B 160 -5.13 26.96 -5.44
C GLU B 160 -4.64 26.39 -6.76
N THR B 161 -5.02 27.04 -7.85
CA THR B 161 -4.64 26.62 -9.18
C THR B 161 -3.70 27.64 -9.81
N PHE B 162 -3.18 27.29 -10.97
CA PHE B 162 -2.35 28.17 -11.77
C PHE B 162 -2.49 27.73 -13.22
N ASN B 163 -1.80 28.42 -14.12
CA ASN B 163 -1.95 28.16 -15.56
C ASN B 163 -1.12 26.94 -15.93
N VAL B 164 -1.58 25.78 -15.47
CA VAL B 164 -0.86 24.52 -15.65
C VAL B 164 -0.94 24.05 -17.11
N GLU B 165 -2.06 24.32 -17.78
CA GLU B 165 -2.23 23.96 -19.20
C GLU B 165 -1.10 24.48 -20.07
N GLU B 166 -0.77 25.75 -19.91
CA GLU B 166 0.28 26.41 -20.67
C GLU B 166 1.66 25.82 -20.38
N VAL B 167 1.93 25.58 -19.10
CA VAL B 167 3.15 24.88 -18.69
C VAL B 167 3.24 23.50 -19.37
N ILE B 168 2.16 22.74 -19.34
CA ILE B 168 2.12 21.41 -19.95
C ILE B 168 2.43 21.48 -21.45
N LYS B 169 1.79 22.42 -22.15
CA LYS B 169 2.03 22.66 -23.57
C LYS B 169 3.50 22.97 -23.81
N SER B 170 4.00 23.96 -23.07
CA SER B 170 5.40 24.39 -23.20
C SER B 170 6.39 23.25 -23.05
N LEU B 171 6.18 22.40 -22.05
CA LEU B 171 7.08 21.25 -21.83
C LEU B 171 6.97 20.20 -22.93
N HIS B 172 5.78 20.03 -23.51
CA HIS B 172 5.60 19.11 -24.65
C HIS B 172 6.30 19.60 -25.93
N GLN B 173 6.32 20.91 -26.15
CA GLN B 173 7.07 21.49 -27.28
C GLN B 173 8.58 21.28 -27.16
N LEU B 174 9.05 21.00 -25.94
CA LEU B 174 10.44 20.56 -25.72
C LEU B 174 10.54 19.03 -25.55
N ASN B 175 9.44 18.33 -25.83
CA ASN B 175 9.37 16.85 -25.78
C ASN B 175 9.53 16.21 -24.38
N ILE B 176 9.19 16.97 -23.34
CA ILE B 176 9.24 16.48 -21.96
C ILE B 176 7.84 16.07 -21.49
N PRO B 177 7.65 14.81 -21.05
CA PRO B 177 6.37 14.43 -20.49
C PRO B 177 6.24 14.93 -19.05
N VAL B 178 5.01 15.03 -18.58
CA VAL B 178 4.71 15.60 -17.28
C VAL B 178 3.83 14.65 -16.49
N LEU B 179 4.13 14.57 -15.19
CA LEU B 179 3.34 13.85 -14.23
C LEU B 179 2.67 14.90 -13.37
N ILE B 180 1.34 14.90 -13.35
CA ILE B 180 0.60 15.83 -12.50
C ILE B 180 0.14 15.10 -11.26
N ASP B 181 0.66 15.54 -10.12
CA ASP B 181 0.18 15.06 -8.84
C ASP B 181 -1.15 15.77 -8.54
N GLU B 182 -2.25 15.12 -8.89
CA GLU B 182 -3.57 15.72 -8.75
C GLU B 182 -4.29 15.18 -7.53
N ALA B 183 -3.52 14.97 -6.47
CA ALA B 183 -4.01 14.36 -5.26
C ALA B 183 -5.22 15.10 -4.69
N HIS B 184 -5.26 16.42 -4.89
CA HIS B 184 -6.34 17.26 -4.36
C HIS B 184 -7.31 17.79 -5.42
N GLY B 185 -7.42 17.08 -6.53
CA GLY B 185 -8.29 17.46 -7.64
C GLY B 185 -9.17 16.33 -8.15
N ALA B 186 -9.50 15.37 -7.28
CA ALA B 186 -10.30 14.21 -7.69
C ALA B 186 -11.76 14.61 -7.98
N HIS B 187 -12.19 15.72 -7.38
CA HIS B 187 -13.52 16.27 -7.57
C HIS B 187 -13.54 17.31 -8.68
N PHE B 188 -12.38 17.63 -9.23
CA PHE B 188 -12.26 18.60 -10.32
C PHE B 188 -12.99 18.05 -11.53
N GLY B 189 -13.81 18.89 -12.17
CA GLY B 189 -14.60 18.47 -13.33
C GLY B 189 -16.10 18.40 -13.07
N LEU B 190 -16.47 18.46 -11.80
CA LEU B 190 -17.88 18.58 -11.42
C LEU B 190 -18.33 20.04 -11.60
N GLN B 191 -19.60 20.22 -11.98
CA GLN B 191 -20.15 21.55 -12.25
C GLN B 191 -19.80 22.54 -11.14
N GLY B 192 -19.12 23.63 -11.51
CA GLY B 192 -18.76 24.70 -10.58
C GLY B 192 -17.32 24.68 -10.09
N PHE B 193 -16.63 23.55 -10.26
CA PHE B 193 -15.29 23.37 -9.72
C PHE B 193 -14.24 23.56 -10.82
N PRO B 194 -12.95 23.68 -10.43
CA PRO B 194 -11.89 23.77 -11.45
C PRO B 194 -11.79 22.54 -12.34
N ASP B 195 -11.06 22.67 -13.44
CA ASP B 195 -10.88 21.57 -14.37
C ASP B 195 -9.64 20.75 -14.03
N SER B 196 -9.72 19.44 -14.30
CA SER B 196 -8.59 18.55 -14.15
C SER B 196 -7.59 18.75 -15.30
N THR B 197 -6.39 18.21 -15.10
CA THR B 197 -5.35 18.23 -16.12
C THR B 197 -5.53 17.14 -17.16
N LEU B 198 -6.49 16.23 -16.92
CA LEU B 198 -6.97 15.29 -17.95
C LEU B 198 -7.40 16.03 -19.22
N ASN B 199 -7.80 17.29 -19.05
CA ASN B 199 -8.21 18.13 -20.17
C ASN B 199 -7.04 18.76 -20.94
N TYR B 200 -5.84 18.75 -20.38
CA TYR B 200 -4.68 19.44 -20.98
C TYR B 200 -3.59 18.48 -21.49
N GLN B 201 -3.95 17.24 -21.77
CA GLN B 201 -3.04 16.26 -22.38
C GLN B 201 -1.84 15.90 -21.47
N ALA B 202 -2.05 15.97 -20.16
CA ALA B 202 -1.04 15.53 -19.20
C ALA B 202 -0.76 14.03 -19.40
N ASP B 203 0.51 13.64 -19.39
CA ASP B 203 0.88 12.25 -19.65
C ASP B 203 0.41 11.34 -18.51
N TYR B 204 0.65 11.79 -17.27
CA TYR B 204 0.25 11.02 -16.08
C TYR B 204 -0.51 11.91 -15.10
N VAL B 205 -1.70 11.49 -14.68
CA VAL B 205 -2.45 12.22 -13.65
C VAL B 205 -2.95 11.27 -12.58
N VAL B 206 -2.40 11.37 -11.37
CA VAL B 206 -2.84 10.58 -10.23
C VAL B 206 -3.78 11.46 -9.40
N GLN B 207 -4.88 10.86 -8.94
CA GLN B 207 -5.87 11.55 -8.10
C GLN B 207 -6.13 10.72 -6.85
N SER B 208 -6.17 11.37 -5.69
CA SER B 208 -6.56 10.72 -4.44
C SER B 208 -8.07 10.87 -4.27
N PHE B 209 -8.80 9.92 -4.85
CA PHE B 209 -10.25 9.79 -4.68
C PHE B 209 -10.62 9.92 -3.21
N HIS B 210 -9.99 9.11 -2.36
CA HIS B 210 -10.31 9.06 -0.94
C HIS B 210 -10.24 10.40 -0.20
N LYS B 211 -9.42 11.33 -0.67
CA LYS B 211 -9.24 12.63 -0.01
C LYS B 211 -10.44 13.58 -0.13
N THR B 212 -11.11 13.57 -1.27
CA THR B 212 -12.24 14.50 -1.49
C THR B 212 -13.52 13.85 -2.02
N LEU B 213 -13.43 12.58 -2.41
CA LEU B 213 -14.57 11.79 -2.86
C LEU B 213 -14.90 10.69 -1.85
N PRO B 214 -16.12 10.12 -1.92
CA PRO B 214 -16.48 9.05 -1.01
C PRO B 214 -15.88 7.70 -1.42
N ALA B 215 -14.58 7.60 -1.23
CA ALA B 215 -13.87 6.35 -1.33
C ALA B 215 -13.21 6.12 0.02
N LEU B 216 -12.80 4.89 0.30
CA LEU B 216 -12.14 4.58 1.56
C LEU B 216 -10.66 5.04 1.54
N THR B 217 -10.16 5.47 2.69
CA THR B 217 -8.77 5.89 2.83
C THR B 217 -7.83 4.87 2.20
N MET B 218 -6.86 5.37 1.43
CA MET B 218 -5.91 4.60 0.61
C MET B 218 -6.31 4.42 -0.86
N GLY B 219 -7.60 4.51 -1.17
CA GLY B 219 -8.05 4.39 -2.55
C GLY B 219 -7.69 5.59 -3.42
N SER B 220 -7.05 5.33 -4.57
CA SER B 220 -6.66 6.37 -5.52
C SER B 220 -6.67 5.80 -6.94
N VAL B 221 -6.53 6.65 -7.94
CA VAL B 221 -6.52 6.21 -9.34
C VAL B 221 -5.39 6.84 -10.12
N LEU B 222 -4.62 6.04 -10.86
CA LEU B 222 -3.62 6.57 -11.79
C LEU B 222 -4.24 6.55 -13.18
N TYR B 223 -4.29 7.73 -13.82
CA TYR B 223 -4.68 7.88 -15.21
C TYR B 223 -3.42 8.06 -16.08
N ILE B 224 -3.25 7.18 -17.08
CA ILE B 224 -2.12 7.28 -18.02
C ILE B 224 -2.65 7.63 -19.42
N HIS B 225 -2.05 8.64 -20.04
CA HIS B 225 -2.39 9.05 -21.40
C HIS B 225 -2.01 7.92 -22.38
N LYS B 226 -2.90 7.60 -23.31
CA LYS B 226 -2.68 6.46 -24.22
C LYS B 226 -1.44 6.57 -25.14
N ASN B 227 -0.88 7.77 -25.27
CA ASN B 227 0.38 7.98 -25.99
C ASN B 227 1.59 8.24 -25.08
N ALA B 228 1.38 8.23 -23.76
CA ALA B 228 2.44 8.58 -22.81
C ALA B 228 3.62 7.59 -22.84
N PRO B 229 4.84 8.09 -22.60
CA PRO B 229 6.02 7.24 -22.51
C PRO B 229 5.99 6.17 -21.42
N TYR B 230 6.53 5.00 -21.75
CA TYR B 230 6.77 3.91 -20.81
C TYR B 230 5.51 3.38 -20.15
N ARG B 231 4.39 3.48 -20.87
CA ARG B 231 3.09 3.00 -20.36
C ARG B 231 3.17 1.59 -19.79
N GLU B 232 3.76 0.67 -20.55
CA GLU B 232 3.81 -0.73 -20.12
C GLU B 232 4.63 -0.93 -18.85
N ASN B 233 5.80 -0.32 -18.81
CA ASN B 233 6.67 -0.41 -17.64
C ASN B 233 5.97 0.10 -16.41
N ILE B 234 5.29 1.24 -16.56
CA ILE B 234 4.60 1.88 -15.47
C ILE B 234 3.52 0.95 -14.90
N ILE B 235 2.75 0.34 -15.81
CA ILE B 235 1.71 -0.65 -15.46
C ILE B 235 2.30 -1.84 -14.71
N GLU B 236 3.52 -2.24 -15.07
CA GLU B 236 4.16 -3.36 -14.35
C GLU B 236 4.60 -2.97 -12.94
N TYR B 237 5.15 -1.76 -12.78
CA TYR B 237 5.56 -1.27 -11.45
C TYR B 237 4.38 -1.10 -10.46
N LEU B 238 3.20 -0.74 -10.93
CA LEU B 238 2.01 -0.76 -10.06
C LEU B 238 1.85 -2.10 -9.34
N SER B 239 2.29 -3.18 -9.96
CA SER B 239 2.24 -4.52 -9.35
C SER B 239 3.49 -4.83 -8.51
N TYR B 240 4.45 -3.90 -8.46
CA TYR B 240 5.62 -4.00 -7.57
C TYR B 240 5.35 -3.20 -6.30
N PHE B 241 4.84 -1.97 -6.45
CA PHE B 241 4.67 -1.05 -5.35
C PHE B 241 3.34 -1.19 -4.60
N GLN B 242 2.44 -2.03 -5.11
CA GLN B 242 1.25 -2.37 -4.35
C GLN B 242 1.33 -3.82 -3.95
N THR B 243 0.87 -4.08 -2.73
CA THR B 243 0.72 -5.44 -2.22
C THR B 243 0.16 -6.34 -3.30
N SER B 244 0.54 -7.61 -3.23
CA SER B 244 -0.01 -8.66 -4.07
C SER B 244 -1.39 -9.08 -3.59
N SER B 245 -1.81 -8.58 -2.42
CA SER B 245 -3.11 -8.91 -1.81
C SER B 245 -3.95 -7.62 -1.75
N PRO B 246 -4.36 -7.08 -2.91
CA PRO B 246 -5.02 -5.76 -2.90
C PRO B 246 -6.44 -5.82 -2.31
N SER B 247 -6.86 -4.79 -1.60
CA SER B 247 -8.17 -4.81 -0.91
C SER B 247 -9.35 -4.58 -1.85
N TYR B 248 -10.30 -5.51 -1.81
CA TYR B 248 -11.52 -5.41 -2.59
C TYR B 248 -12.51 -4.41 -2.00
N LEU B 249 -12.42 -4.14 -0.71
CA LEU B 249 -13.20 -3.06 -0.08
C LEU B 249 -12.74 -1.73 -0.67
N ILE B 250 -11.44 -1.50 -0.68
CA ILE B 250 -10.91 -0.26 -1.23
C ILE B 250 -11.30 -0.13 -2.72
N MET B 251 -11.07 -1.19 -3.49
CA MET B 251 -11.39 -1.19 -4.94
C MET B 251 -12.86 -0.93 -5.21
N ALA B 252 -13.73 -1.58 -4.43
CA ALA B 252 -15.17 -1.35 -4.57
C ALA B 252 -15.52 0.11 -4.23
N SER B 253 -14.78 0.72 -3.30
CA SER B 253 -15.05 2.11 -2.88
C SER B 253 -14.65 3.13 -3.96
N LEU B 254 -13.58 2.82 -4.68
CA LEU B 254 -13.22 3.56 -5.88
C LEU B 254 -14.34 3.54 -6.91
N GLU B 255 -14.88 2.34 -7.15
CA GLU B 255 -15.98 2.12 -8.08
C GLU B 255 -17.23 2.87 -7.67
N SER B 256 -17.54 2.80 -6.38
CA SER B 256 -18.70 3.49 -5.84
C SER B 256 -18.50 5.00 -5.98
N ALA B 257 -17.29 5.46 -5.68
CA ALA B 257 -16.99 6.88 -5.67
C ALA B 257 -16.98 7.44 -7.08
N ALA B 258 -16.59 6.61 -8.04
CA ALA B 258 -16.62 6.97 -9.47
C ALA B 258 -18.06 7.16 -9.97
N GLN B 259 -18.95 6.25 -9.57
CA GLN B 259 -20.37 6.38 -9.88
C GLN B 259 -20.98 7.63 -9.23
N PHE B 260 -20.57 7.92 -8.01
CA PHE B 260 -20.96 9.15 -7.31
C PHE B 260 -20.50 10.41 -8.04
N TYR B 261 -19.25 10.40 -8.53
CA TYR B 261 -18.72 11.51 -9.32
C TYR B 261 -19.54 11.69 -10.60
N LYS B 262 -19.82 10.58 -11.26
CA LYS B 262 -20.55 10.57 -12.53
C LYS B 262 -21.96 11.16 -12.45
N THR B 263 -22.64 11.00 -11.31
CA THR B 263 -24.06 11.43 -11.18
C THR B 263 -24.26 12.56 -10.17
N TYR B 264 -23.18 13.14 -9.67
CA TYR B 264 -23.27 14.19 -8.65
C TYR B 264 -23.94 15.44 -9.21
N ASP B 265 -24.80 16.04 -8.40
CA ASP B 265 -25.38 17.35 -8.68
C ASP B 265 -24.94 18.31 -7.56
N SER B 266 -24.37 19.45 -7.94
CA SER B 266 -23.66 20.30 -6.99
C SER B 266 -24.48 21.48 -6.44
N THR B 267 -25.66 21.74 -7.00
CA THR B 267 -26.52 22.85 -6.55
C THR B 267 -26.67 22.88 -5.03
N LEU B 268 -26.99 21.72 -4.44
CA LEU B 268 -27.18 21.63 -2.99
C LEU B 268 -25.88 21.99 -2.24
N PHE B 269 -24.74 21.65 -2.82
CA PHE B 269 -23.45 21.94 -2.21
C PHE B 269 -23.25 23.45 -2.11
N PHE B 270 -23.40 24.13 -3.23
CA PHE B 270 -23.14 25.57 -3.28
C PHE B 270 -24.04 26.40 -2.37
N ALA B 271 -25.25 25.92 -2.12
CA ALA B 271 -26.17 26.57 -1.19
C ALA B 271 -25.71 26.34 0.25
N LYS B 272 -25.43 25.09 0.61
CA LYS B 272 -24.98 24.75 1.95
C LYS B 272 -23.63 25.40 2.25
N ARG B 273 -22.76 25.50 1.25
CA ARG B 273 -21.50 26.22 1.36
C ARG B 273 -21.71 27.68 1.75
N ALA B 274 -22.67 28.32 1.08
CA ALA B 274 -22.98 29.73 1.33
C ALA B 274 -23.48 29.93 2.76
N GLN B 275 -24.39 29.04 3.20
CA GLN B 275 -24.88 29.03 4.58
C GLN B 275 -23.75 28.91 5.59
N LEU B 276 -22.86 27.94 5.38
CA LEU B 276 -21.70 27.72 6.24
C LEU B 276 -20.83 28.97 6.38
N ILE B 277 -20.49 29.58 5.25
CA ILE B 277 -19.71 30.82 5.24
C ILE B 277 -20.44 31.94 5.98
N GLU B 278 -21.73 32.12 5.66
CA GLU B 278 -22.61 33.01 6.43
C GLU B 278 -22.38 32.82 7.93
N CYS B 279 -22.59 31.58 8.38
CA CYS B 279 -22.55 31.27 9.81
C CYS B 279 -21.19 31.60 10.41
N LEU B 280 -20.12 31.13 9.77
CA LEU B 280 -18.74 31.42 10.19
C LEU B 280 -18.48 32.94 10.25
N GLU B 281 -18.87 33.64 9.19
CA GLU B 281 -18.61 35.09 9.11
C GLU B 281 -19.31 35.88 10.20
N ASN B 282 -20.55 35.51 10.51
CA ASN B 282 -21.30 36.12 11.60
C ASN B 282 -20.71 35.84 12.98
N LYS B 283 -19.79 34.89 13.05
CA LYS B 283 -19.09 34.55 14.27
C LYS B 283 -17.77 35.33 14.40
N GLY B 284 -17.41 36.06 13.34
CA GLY B 284 -16.18 36.85 13.31
C GLY B 284 -15.05 36.19 12.54
N PHE B 285 -15.25 34.98 12.03
CA PHE B 285 -14.25 34.31 11.19
C PHE B 285 -14.17 34.99 9.82
N GLU B 286 -12.97 34.96 9.24
CA GLU B 286 -12.70 35.48 7.90
C GLU B 286 -12.16 34.38 7.00
N MET B 287 -12.85 34.14 5.88
CA MET B 287 -12.48 33.06 4.94
C MET B 287 -11.81 33.61 3.69
N LEU B 288 -10.76 32.92 3.25
CA LEU B 288 -10.05 33.24 2.01
C LEU B 288 -10.55 32.35 0.88
N GLN B 289 -11.17 32.94 -0.15
CA GLN B 289 -11.72 32.14 -1.26
C GLN B 289 -10.62 31.72 -2.21
N VAL B 290 -10.36 30.43 -2.27
CA VAL B 290 -9.40 29.89 -3.24
C VAL B 290 -10.17 29.42 -4.46
N ASP B 291 -9.43 28.96 -5.48
CA ASP B 291 -10.03 28.51 -6.74
C ASP B 291 -10.98 27.32 -6.53
N ASP B 292 -10.59 26.38 -5.68
CA ASP B 292 -11.43 25.23 -5.37
C ASP B 292 -12.45 25.57 -4.28
N PRO B 293 -13.76 25.49 -4.59
CA PRO B 293 -14.78 25.75 -3.56
C PRO B 293 -14.82 24.74 -2.41
N LEU B 294 -14.27 23.55 -2.62
CA LEU B 294 -14.20 22.52 -1.58
C LEU B 294 -13.29 22.89 -0.42
N LYS B 295 -12.32 23.76 -0.67
CA LYS B 295 -11.33 24.13 0.32
C LYS B 295 -11.68 25.48 0.96
N LEU B 296 -11.97 25.44 2.26
CA LEU B 296 -12.30 26.63 3.03
C LEU B 296 -11.15 26.91 3.98
N LEU B 297 -10.61 28.12 3.88
CA LEU B 297 -9.54 28.57 4.73
C LEU B 297 -10.11 29.57 5.71
N ILE B 298 -10.02 29.25 7.00
CA ILE B 298 -10.60 30.08 8.04
C ILE B 298 -9.52 30.81 8.82
N LYS B 299 -9.65 32.14 8.88
CA LYS B 299 -8.75 33.00 9.67
C LYS B 299 -9.56 33.66 10.79
N TYR B 300 -8.88 34.17 11.81
CA TYR B 300 -9.53 34.91 12.90
C TYR B 300 -8.54 35.89 13.50
N GLU B 301 -8.79 37.18 13.29
CA GLU B 301 -7.85 38.24 13.66
C GLU B 301 -7.32 38.10 15.10
N GLY B 302 -6.00 38.08 15.23
CA GLY B 302 -5.35 37.98 16.53
C GLY B 302 -4.96 36.57 16.89
N PHE B 303 -5.41 35.59 16.11
CA PHE B 303 -5.22 34.17 16.47
C PHE B 303 -4.74 33.33 15.29
N THR B 304 -4.25 32.13 15.61
CA THR B 304 -3.62 31.25 14.64
C THR B 304 -4.61 30.20 14.15
N GLY B 305 -4.20 29.50 13.09
CA GLY B 305 -4.98 28.39 12.57
C GLY B 305 -5.04 27.25 13.56
N HIS B 306 -3.94 27.04 14.30
CA HIS B 306 -3.89 26.02 15.33
C HIS B 306 -4.91 26.32 16.42
N ASP B 307 -5.03 27.62 16.78
CA ASP B 307 -6.03 28.08 17.75
C ASP B 307 -7.42 27.77 17.25
N ILE B 308 -7.67 28.06 15.97
CA ILE B 308 -8.98 27.86 15.36
C ILE B 308 -9.26 26.36 15.24
N GLN B 309 -8.24 25.61 14.86
CA GLN B 309 -8.33 24.13 14.85
C GLN B 309 -8.76 23.62 16.22
N ASN B 310 -8.07 24.08 17.28
CA ASN B 310 -8.40 23.68 18.65
C ASN B 310 -9.82 24.05 19.07
N TRP B 311 -10.24 25.27 18.75
CA TRP B 311 -11.59 25.73 19.06
C TRP B 311 -12.69 24.83 18.46
N PHE B 312 -12.52 24.47 17.19
CA PHE B 312 -13.46 23.58 16.53
C PHE B 312 -13.44 22.19 17.16
N MET B 313 -12.24 21.68 17.43
CA MET B 313 -12.08 20.37 18.06
C MET B 313 -12.82 20.29 19.40
N ASN B 314 -12.69 21.34 20.23
CA ASN B 314 -13.48 21.44 21.48
C ASN B 314 -14.99 21.28 21.28
N ALA B 315 -15.47 21.56 20.06
CA ALA B 315 -16.86 21.31 19.68
C ALA B 315 -17.04 20.00 18.93
N HIS B 316 -16.02 19.13 18.95
CA HIS B 316 -16.02 17.85 18.25
C HIS B 316 -16.18 17.96 16.73
N ILE B 317 -15.71 19.09 16.17
CA ILE B 317 -15.64 19.29 14.74
C ILE B 317 -14.18 19.24 14.38
N TYR B 318 -13.84 18.41 13.38
CA TYR B 318 -12.46 18.14 13.06
C TYR B 318 -12.05 18.70 11.69
N LEU B 319 -11.25 19.76 11.73
CA LEU B 319 -10.67 20.32 10.51
C LEU B 319 -9.56 19.42 9.97
N GLU B 320 -9.10 19.71 8.74
CA GLU B 320 -8.05 18.93 8.08
C GLU B 320 -6.66 19.25 8.62
N LEU B 321 -6.29 20.51 8.56
CA LEU B 321 -5.01 20.93 9.10
C LEU B 321 -5.03 22.42 9.40
N ALA B 322 -3.92 22.91 9.93
CA ALA B 322 -3.72 24.31 10.15
C ALA B 322 -2.23 24.68 10.06
N ASP B 323 -1.99 25.97 9.76
CA ASP B 323 -0.67 26.59 9.90
C ASP B 323 -0.87 27.85 10.76
N ASP B 324 0.20 28.58 11.03
CA ASP B 324 0.09 29.80 11.83
C ASP B 324 -0.92 30.80 11.30
N TYR B 325 -1.14 30.81 9.99
CA TYR B 325 -2.02 31.82 9.36
C TYR B 325 -3.50 31.47 9.46
N GLN B 326 -3.85 30.23 9.08
CA GLN B 326 -5.27 29.80 9.04
C GLN B 326 -5.46 28.29 9.17
N ALA B 327 -6.72 27.89 9.33
CA ALA B 327 -7.11 26.48 9.35
C ALA B 327 -7.90 26.10 8.09
N LEU B 328 -7.80 24.84 7.69
CA LEU B 328 -8.40 24.33 6.45
C LEU B 328 -9.56 23.37 6.71
N ALA B 329 -10.73 23.74 6.21
CA ALA B 329 -11.86 22.84 6.17
C ALA B 329 -11.96 22.26 4.75
N ILE B 330 -11.98 20.93 4.62
CA ILE B 330 -12.31 20.31 3.35
C ILE B 330 -13.80 19.97 3.43
N LEU B 331 -14.61 20.72 2.69
CA LEU B 331 -16.07 20.61 2.78
C LEU B 331 -16.57 19.28 2.22
N PRO B 332 -17.71 18.79 2.73
CA PRO B 332 -18.29 17.57 2.19
C PRO B 332 -18.88 17.81 0.82
N LEU B 333 -18.97 16.77 0.00
CA LEU B 333 -19.72 16.86 -1.25
C LEU B 333 -21.19 16.56 -0.97
N TRP B 334 -21.81 17.47 -0.20
CA TRP B 334 -23.22 17.36 0.22
C TRP B 334 -24.12 16.97 -0.93
N HIS B 335 -25.09 16.10 -0.64
CA HIS B 335 -26.10 15.72 -1.62
C HIS B 335 -27.43 15.49 -0.90
N HIS B 336 -28.50 15.38 -1.68
CA HIS B 336 -29.85 15.35 -1.11
C HIS B 336 -30.03 14.23 -0.09
N ASP B 337 -29.54 13.04 -0.40
CA ASP B 337 -29.74 11.88 0.48
C ASP B 337 -28.57 11.59 1.45
N ASP B 338 -27.83 12.60 1.88
CA ASP B 338 -26.68 12.40 2.78
C ASP B 338 -27.09 12.44 4.24
N THR B 339 -26.25 11.94 5.13
CA THR B 339 -26.57 11.97 6.57
C THR B 339 -25.62 12.87 7.35
N TYR B 340 -25.13 13.92 6.71
CA TYR B 340 -24.18 14.83 7.34
C TYR B 340 -24.90 15.73 8.36
N LEU B 341 -24.25 15.97 9.48
CA LEU B 341 -24.86 16.70 10.58
C LEU B 341 -24.68 18.20 10.36
N PHE B 342 -25.26 18.71 9.27
CA PHE B 342 -25.09 20.10 8.82
C PHE B 342 -25.61 21.11 9.84
N ASP B 343 -26.86 20.91 10.27
CA ASP B 343 -27.48 21.71 11.32
C ASP B 343 -26.66 21.73 12.60
N SER B 344 -26.14 20.57 13.01
CA SER B 344 -25.31 20.50 14.23
C SER B 344 -23.99 21.21 14.01
N LEU B 345 -23.46 21.14 12.80
CA LEU B 345 -22.27 21.89 12.45
C LEU B 345 -22.54 23.38 12.66
N LEU B 346 -23.59 23.90 12.02
CA LEU B 346 -23.91 25.33 12.11
C LEU B 346 -24.31 25.75 13.53
N ARG B 347 -24.99 24.86 14.24
CA ARG B 347 -25.41 25.14 15.61
C ARG B 347 -24.21 25.15 16.54
N LYS B 348 -23.22 24.32 16.28
CA LYS B 348 -22.01 24.25 17.10
C LYS B 348 -21.19 25.52 16.91
N ILE B 349 -21.12 26.01 15.68
CA ILE B 349 -20.41 27.26 15.40
C ILE B 349 -21.08 28.46 16.05
N GLU B 350 -22.42 28.51 16.01
CA GLU B 350 -23.18 29.65 16.55
C GLU B 350 -22.97 29.83 18.06
N ASP B 351 -22.99 28.72 18.80
CA ASP B 351 -22.90 28.76 20.27
C ASP B 351 -21.46 28.82 20.78
N MET B 352 -20.49 28.66 19.88
CA MET B 352 -19.07 28.77 20.20
C MET B 352 -18.78 30.10 20.92
N ILE B 353 -17.93 30.06 21.95
CA ILE B 353 -17.50 31.26 22.66
C ILE B 353 -16.05 31.51 22.28
N LEU B 354 -15.82 32.58 21.51
CA LEU B 354 -14.50 32.92 21.00
C LEU B 354 -13.94 34.15 21.73
N PRO B 355 -12.59 34.28 21.81
CA PRO B 355 -12.01 35.46 22.42
C PRO B 355 -12.28 36.74 21.62
N LYS B 356 -11.98 37.88 22.23
CA LYS B 356 -12.46 39.18 21.76
C LYS B 356 -11.85 39.73 20.47
N LYS B 357 -10.88 39.03 19.88
CA LYS B 357 -10.21 39.49 18.64
C LYS B 357 -9.18 40.59 18.94
N SER B 358 -7.96 40.42 18.44
CA SER B 358 -6.84 41.31 18.77
C SER B 358 -5.83 41.45 17.62
N VAL B 359 -4.63 41.96 17.92
CA VAL B 359 -3.52 42.12 16.96
C VAL B 359 -3.87 43.12 15.86
N GLN B 366 8.65 34.32 3.82
CA GLN B 366 9.20 34.43 2.46
C GLN B 366 9.93 33.14 2.05
N LEU B 367 9.27 32.33 1.22
CA LEU B 367 9.77 31.01 0.84
C LEU B 367 10.88 31.14 -0.20
N LEU B 368 11.73 30.12 -0.31
CA LEU B 368 12.73 30.08 -1.37
C LEU B 368 12.01 29.79 -2.66
N THR B 369 12.25 30.62 -3.68
CA THR B 369 11.60 30.47 -4.98
C THR B 369 12.54 30.00 -6.06
N THR B 370 13.84 30.06 -5.83
CA THR B 370 14.82 29.79 -6.90
C THR B 370 14.91 28.31 -7.28
N GLU B 371 15.42 28.06 -8.49
CA GLU B 371 15.63 26.69 -8.96
C GLU B 371 16.77 26.05 -8.19
N GLY B 372 16.91 24.73 -8.30
CA GLY B 372 18.01 24.04 -7.65
C GLY B 372 18.19 22.58 -8.03
N ASN B 373 19.44 22.12 -8.00
CA ASN B 373 19.77 20.71 -8.25
C ASN B 373 19.41 19.83 -7.06
N TYR B 374 18.95 18.62 -7.35
CA TYR B 374 18.72 17.60 -6.33
C TYR B 374 19.56 16.37 -6.64
N LYS B 375 20.28 15.87 -5.65
CA LYS B 375 21.02 14.60 -5.78
C LYS B 375 20.42 13.56 -4.83
N PRO B 376 20.24 12.32 -5.31
CA PRO B 376 19.54 11.31 -4.52
C PRO B 376 20.42 10.69 -3.42
N LYS B 377 21.38 11.45 -2.90
CA LYS B 377 22.36 10.97 -1.93
C LYS B 377 21.72 10.62 -0.59
N TYR B 381 27.09 8.87 6.60
CA TYR B 381 27.64 9.78 7.60
C TYR B 381 27.13 11.20 7.38
N VAL B 382 26.77 11.89 8.46
CA VAL B 382 26.32 13.28 8.41
C VAL B 382 26.95 14.12 9.53
N THR B 383 26.91 15.44 9.37
CA THR B 383 27.50 16.34 10.37
C THR B 383 26.88 17.74 10.30
N TRP B 384 26.81 18.40 11.45
CA TRP B 384 26.31 19.78 11.50
C TRP B 384 27.46 20.72 11.12
N CYS B 385 27.18 21.63 10.19
CA CYS B 385 28.17 22.55 9.67
C CYS B 385 27.63 23.98 9.79
N ASP B 386 28.50 24.91 10.16
CA ASP B 386 28.15 26.33 10.19
C ASP B 386 27.64 26.77 8.81
N LEU B 387 26.60 27.59 8.82
CA LEU B 387 25.98 28.09 7.59
C LEU B 387 27.04 28.67 6.64
N LYS B 388 27.84 29.59 7.15
CA LYS B 388 28.89 30.24 6.36
C LYS B 388 29.79 29.22 5.63
N LYS B 389 29.99 28.04 6.23
CA LYS B 389 30.87 27.02 5.67
C LYS B 389 30.15 25.87 4.95
N ALA B 390 28.83 25.97 4.84
CA ALA B 390 28.02 24.90 4.26
C ALA B 390 27.71 25.15 2.80
N LYS B 391 28.14 26.29 2.27
CA LYS B 391 27.87 26.61 0.87
C LYS B 391 28.56 25.63 -0.07
N GLY B 392 27.91 25.30 -1.18
CA GLY B 392 28.43 24.33 -2.14
C GLY B 392 28.23 22.87 -1.74
N LYS B 393 27.61 22.63 -0.58
CA LYS B 393 27.48 21.28 -0.03
C LYS B 393 26.08 20.72 -0.17
N VAL B 394 25.95 19.41 -0.03
CA VAL B 394 24.69 18.73 -0.21
C VAL B 394 23.95 18.66 1.12
N LEU B 395 22.71 19.14 1.12
CA LEU B 395 21.87 19.15 2.31
C LEU B 395 21.45 17.74 2.68
N ALA B 396 21.57 17.40 3.96
CA ALA B 396 21.23 16.06 4.45
C ALA B 396 19.97 16.03 5.32
N ARG B 397 19.32 17.18 5.52
CA ARG B 397 18.03 17.24 6.20
C ARG B 397 17.23 18.52 5.85
N HIS B 398 15.92 18.38 5.67
CA HIS B 398 15.06 19.50 5.24
C HIS B 398 15.17 20.73 6.12
N ILE B 399 15.10 21.91 5.50
CA ILE B 399 14.89 23.18 6.21
C ILE B 399 13.39 23.53 6.13
N VAL B 400 12.76 23.62 7.29
CA VAL B 400 11.32 23.83 7.42
C VAL B 400 11.07 25.06 8.34
N PRO B 401 10.74 26.21 7.75
CA PRO B 401 10.44 27.39 8.56
C PRO B 401 9.00 27.39 9.04
N TYR B 402 8.79 27.86 10.27
CA TYR B 402 7.46 28.01 10.83
C TYR B 402 7.17 29.49 11.09
N PRO B 403 6.29 30.09 10.30
CA PRO B 403 5.43 29.53 9.27
C PRO B 403 6.16 29.34 7.93
N PRO B 404 5.58 28.55 7.01
CA PRO B 404 4.31 27.82 7.07
C PRO B 404 4.46 26.33 7.43
N GLY B 405 5.62 25.94 7.97
CA GLY B 405 5.85 24.56 8.38
C GLY B 405 5.91 23.56 7.25
N ILE B 406 6.37 24.01 6.08
CA ILE B 406 6.65 23.10 4.95
C ILE B 406 8.04 23.42 4.45
N PRO B 407 8.69 22.49 3.73
CA PRO B 407 10.10 22.67 3.37
C PRO B 407 10.37 23.72 2.28
N ILE B 408 11.34 24.59 2.53
CA ILE B 408 11.84 25.51 1.52
C ILE B 408 13.08 24.93 0.84
N ILE B 409 13.85 24.12 1.57
CA ILE B 409 15.02 23.45 1.00
C ILE B 409 15.04 21.98 1.43
N PHE B 410 15.13 21.09 0.45
CA PHE B 410 15.06 19.66 0.69
C PHE B 410 16.45 19.07 0.79
N LYS B 411 16.55 17.93 1.46
CA LYS B 411 17.80 17.20 1.52
C LYS B 411 18.09 16.63 0.13
N GLY B 412 19.35 16.75 -0.29
CA GLY B 412 19.75 16.42 -1.65
C GLY B 412 20.10 17.65 -2.46
N GLU B 413 19.64 18.82 -2.01
CA GLU B 413 19.96 20.07 -2.71
C GLU B 413 21.37 20.54 -2.37
N THR B 414 21.99 21.26 -3.31
CA THR B 414 23.26 21.93 -3.06
C THR B 414 23.02 23.34 -2.48
N ILE B 415 23.65 23.61 -1.34
CA ILE B 415 23.40 24.84 -0.57
C ILE B 415 24.07 26.05 -1.25
N THR B 416 23.30 27.13 -1.41
CA THR B 416 23.76 28.33 -2.13
C THR B 416 23.86 29.59 -1.26
N GLU B 417 24.46 30.63 -1.83
CA GLU B 417 24.53 31.97 -1.21
C GLU B 417 23.14 32.43 -0.80
N ASN B 418 22.21 32.41 -1.75
CA ASN B 418 20.85 32.87 -1.55
C ASN B 418 20.13 32.13 -0.41
N MET B 419 20.30 30.82 -0.37
CA MET B 419 19.66 30.00 0.66
C MET B 419 20.13 30.40 2.06
N ILE B 420 21.43 30.55 2.22
CA ILE B 420 22.01 30.96 3.52
C ILE B 420 21.47 32.32 3.97
N GLU B 421 21.33 33.26 3.04
CA GLU B 421 20.86 34.61 3.35
C GLU B 421 19.44 34.55 3.92
N LEU B 422 18.52 34.00 3.13
CA LEU B 422 17.13 33.83 3.56
C LEU B 422 17.02 33.06 4.87
N VAL B 423 17.87 32.05 5.05
CA VAL B 423 17.86 31.26 6.28
C VAL B 423 18.33 32.11 7.48
N ASN B 424 19.36 32.93 7.28
CA ASN B 424 19.78 33.87 8.32
C ASN B 424 18.72 34.95 8.60
N GLU B 425 18.08 35.46 7.54
CA GLU B 425 16.97 36.40 7.70
C GLU B 425 15.89 35.82 8.59
N TYR B 426 15.51 34.56 8.32
CA TYR B 426 14.57 33.85 9.18
C TYR B 426 15.05 33.94 10.64
N LEU B 427 16.28 33.49 10.88
CA LEU B 427 16.82 33.38 12.24
C LEU B 427 16.95 34.75 12.94
N GLU B 428 17.33 35.76 12.16
CA GLU B 428 17.39 37.16 12.66
C GLU B 428 16.01 37.65 13.15
N THR B 429 14.95 37.18 12.50
CA THR B 429 13.57 37.57 12.84
C THR B 429 12.92 36.72 13.94
N GLY B 430 13.60 35.65 14.35
CA GLY B 430 13.09 34.79 15.42
C GLY B 430 12.07 33.75 14.96
N MET B 431 12.08 33.46 13.67
CA MET B 431 11.25 32.42 13.09
C MET B 431 11.84 31.05 13.41
N ILE B 432 10.99 30.15 13.94
CA ILE B 432 11.39 28.77 14.18
C ILE B 432 11.75 28.10 12.86
N VAL B 433 12.84 27.33 12.87
CA VAL B 433 13.44 26.77 11.66
C VAL B 433 14.01 25.40 11.99
N GLU B 434 13.29 24.35 11.59
CA GLU B 434 13.73 22.97 11.83
C GLU B 434 14.71 22.59 10.75
N GLY B 435 15.60 21.67 11.07
CA GLY B 435 16.72 21.35 10.18
C GLY B 435 17.90 22.26 10.45
N ILE B 436 17.77 23.09 11.47
CA ILE B 436 18.84 23.95 11.95
C ILE B 436 18.91 23.79 13.46
N LYS B 437 20.12 23.64 13.96
CA LYS B 437 20.40 23.57 15.40
C LYS B 437 21.70 24.28 15.65
N ASN B 438 21.78 25.03 16.75
CA ASN B 438 22.98 25.80 17.09
C ASN B 438 23.54 26.60 15.91
N ASN B 439 22.66 27.18 15.11
CA ASN B 439 23.02 27.90 13.87
C ASN B 439 23.86 27.09 12.88
N LYS B 440 23.57 25.79 12.79
CA LYS B 440 24.28 24.88 11.89
C LYS B 440 23.26 24.09 11.07
N ILE B 441 23.74 23.55 9.95
CA ILE B 441 22.92 22.86 8.98
C ILE B 441 23.48 21.45 8.74
N LEU B 442 22.61 20.45 8.58
CA LEU B 442 23.07 19.07 8.40
C LEU B 442 23.49 18.88 6.96
N VAL B 443 24.69 18.32 6.77
CA VAL B 443 25.30 18.17 5.46
C VAL B 443 25.98 16.81 5.32
N1 PLP C . 5.48 -13.77 0.56
C2 PLP C . 4.69 -14.88 0.44
C2A PLP C . 5.31 -16.25 0.51
C3 PLP C . 3.32 -14.71 0.25
O3 PLP C . 2.61 -15.73 0.13
C4 PLP C . 2.76 -13.42 0.20
C4A PLP C . 1.28 -13.21 0.01
C5 PLP C . 3.60 -12.31 0.32
C6 PLP C . 4.95 -12.50 0.51
C5A PLP C . 3.09 -10.89 0.25
O4P PLP C . 2.27 -10.39 1.32
P PLP C . 1.01 -9.41 1.06
O1P PLP C . 0.48 -9.31 2.44
O2P PLP C . 0.17 -10.11 0.06
O3P PLP C . 1.66 -8.17 0.56
SM SM D . 28.63 -30.03 -21.33
SM SM E . 25.24 -31.32 -18.10
SM SM F . 15.15 -37.17 -22.81
SM SM G . -26.80 -35.55 1.95
C1 EDO H . 30.38 -20.86 -2.89
O1 EDO H . 30.86 -21.44 -1.66
C2 EDO H . 30.97 -21.45 -4.15
O2 EDO H . 30.71 -20.65 -5.32
N1 PLP I . 0.45 14.55 -3.21
C2 PLP I . -0.26 15.45 -2.44
C2A PLP I . -0.19 16.92 -2.79
C3 PLP I . -1.01 14.99 -1.36
O3 PLP I . -1.65 15.78 -0.66
C4 PLP I . -1.05 13.63 -1.07
C4A PLP I . -1.86 13.12 0.10
C5 PLP I . -0.32 12.73 -1.88
C6 PLP I . 0.42 13.19 -2.95
C5A PLP I . -0.31 11.27 -1.59
O4P PLP I . -1.52 10.53 -1.75
P PLP I . -1.89 9.35 -0.75
O1P PLP I . -3.24 8.93 -1.26
O2P PLP I . -1.94 9.93 0.60
O3P PLP I . -0.83 8.34 -0.97
SM SM J . 21.97 17.98 -13.87
SM SM K . 13.26 33.85 -12.48
SM SM L . -11.18 43.69 11.53
#